data_8AUO
#
_entry.id   8AUO
#
_cell.length_a   49.174
_cell.length_b   92.222
_cell.length_c   90.257
_cell.angle_alpha   90.000
_cell.angle_beta   99.253
_cell.angle_gamma   90.000
#
_symmetry.space_group_name_H-M   'P 1 21 1'
#
loop_
_entity.id
_entity.type
_entity.pdbx_description
1 polymer '12-oxophytodienoate reductase 3'
2 non-polymer 'FLAVIN MONONUCLEOTIDE'
3 non-polymer '2-methoxyethyl (2~{Z})-2-hydroxyimino-3-oxidanylidene-butanoate'
4 water water
#
_entity_poly.entity_id   1
_entity_poly.type   'polypeptide(L)'
_entity_poly.pdbx_seq_one_letter_code
;MASSAQDGNNPLFSPYKMGKFNLSHRVVLAPMTRCRALNNIPQAALGEYYEQRATAGGFLITEGTMISPTSAGFPHVPGI
FTKEQVREWKKIVDVVHAKGAVIFCQLWHVGRASHEVYQPAGAAPISSTEKPISNRWRILMPDGTHGIYPKPRAIGTYEI
SQVVEDYRRSALNAIEAGFDGIEIHGAHGYLIDQFLKDGINDRTDEYGGSLANRCKFITQVVQAVVSAIGADRVGVRVSP
AIDHLDAMDSNPLSLGLAVVERLNKIQLHSGSKLAYLHVTQPRYVAYGQTEAGRLGSEEEEARLMRTLRNAYQGTFICSG
GYTRELGIEAVAQGDADLVSYGRLFISNPDLVMRIKLNAPLNKYNRKTFFTQDPVVGYTDYPFLQGNGSNGPLSRLLEHH
HHHH
;
_entity_poly.pdbx_strand_id   B,A
#
loop_
_chem_comp.id
_chem_comp.type
_chem_comp.name
_chem_comp.formula
FMN non-polymer 'FLAVIN MONONUCLEOTIDE' 'C17 H21 N4 O9 P'
O8R non-polymer '2-methoxyethyl (2~{Z})-2-hydroxyimino-3-oxidanylidene-butanoate' 'C7 H11 N O5'
#
# COMPACT_ATOMS: atom_id res chain seq x y z
N ASN A 10 42.91 7.21 -0.67
CA ASN A 10 41.57 7.29 -0.08
C ASN A 10 41.36 6.15 0.93
N PRO A 11 41.37 6.48 2.23
CA PRO A 11 41.25 5.43 3.26
C PRO A 11 39.88 4.76 3.28
N LEU A 12 38.85 5.34 2.66
CA LEU A 12 37.58 4.64 2.53
C LEU A 12 37.68 3.40 1.67
N PHE A 13 38.75 3.28 0.87
CA PHE A 13 38.91 2.12 0.01
C PHE A 13 40.10 1.26 0.42
N SER A 14 40.48 1.35 1.69
CA SER A 14 41.33 0.31 2.23
C SER A 14 40.47 -0.85 2.76
N PRO A 15 40.94 -2.09 2.62
CA PRO A 15 40.15 -3.23 3.07
C PRO A 15 40.00 -3.26 4.58
N TYR A 16 38.99 -4.00 5.04
CA TYR A 16 38.72 -4.08 6.46
C TYR A 16 38.16 -5.45 6.80
N LYS A 17 38.68 -6.04 7.87
CA LYS A 17 38.22 -7.35 8.34
C LYS A 17 37.17 -7.13 9.42
N MET A 18 35.90 -7.30 9.05
CA MET A 18 34.79 -7.19 10.00
C MET A 18 34.53 -8.61 10.52
N GLY A 19 35.41 -9.04 11.42
CA GLY A 19 35.38 -10.41 11.90
C GLY A 19 35.73 -11.38 10.80
N LYS A 20 34.81 -12.26 10.44
CA LYS A 20 35.08 -13.22 9.37
C LYS A 20 34.76 -12.68 7.98
N PHE A 21 34.24 -11.46 7.87
CA PHE A 21 33.86 -10.89 6.58
C PHE A 21 34.97 -9.96 6.09
N ASN A 22 35.46 -10.22 4.88
CA ASN A 22 36.52 -9.41 4.28
C ASN A 22 35.87 -8.32 3.42
N LEU A 23 35.86 -7.09 3.93
CA LEU A 23 35.28 -5.98 3.19
C LEU A 23 36.34 -5.32 2.32
N SER A 24 35.96 -4.94 1.11
CA SER A 24 36.91 -4.30 0.21
C SER A 24 36.96 -2.79 0.36
N HIS A 25 35.98 -2.17 1.04
CA HIS A 25 35.97 -0.73 1.24
C HIS A 25 35.08 -0.49 2.45
N ARG A 26 35.07 0.77 2.92
N ARG A 26 35.05 0.76 2.91
CA ARG A 26 34.48 1.14 4.20
CA ARG A 26 34.43 1.08 4.19
C ARG A 26 33.13 1.83 4.06
C ARG A 26 33.15 1.89 4.05
N VAL A 27 32.58 1.94 2.85
CA VAL A 27 31.32 2.64 2.62
C VAL A 27 30.17 1.64 2.81
N VAL A 28 29.30 1.93 3.77
CA VAL A 28 28.22 1.02 4.15
C VAL A 28 26.87 1.61 3.76
N LEU A 29 25.95 0.77 3.27
CA LEU A 29 24.55 1.19 3.09
C LEU A 29 23.88 1.18 4.45
N ALA A 30 23.48 2.37 4.94
CA ALA A 30 22.79 2.46 6.22
C ALA A 30 21.38 1.87 6.10
N PRO A 31 20.84 1.32 7.19
CA PRO A 31 19.47 0.79 7.15
C PRO A 31 18.47 1.89 6.90
N MET A 32 17.57 1.68 5.92
CA MET A 32 16.57 2.70 5.63
C MET A 32 15.23 2.08 5.32
N THR A 33 14.23 2.41 6.13
CA THR A 33 12.84 2.09 5.85
C THR A 33 12.38 2.80 4.57
N ARG A 34 11.84 2.03 3.61
CA ARG A 34 11.35 2.61 2.36
C ARG A 34 9.90 2.23 2.05
N CYS A 35 9.32 1.25 2.76
CA CYS A 35 7.89 0.96 2.71
C CYS A 35 7.46 0.41 1.36
N ARG A 36 8.32 -0.38 0.71
CA ARG A 36 7.93 -1.06 -0.53
C ARG A 36 7.62 -2.54 -0.33
N ALA A 37 7.75 -3.07 0.90
CA ALA A 37 7.53 -4.48 1.18
C ALA A 37 6.05 -4.70 1.49
N LEU A 38 5.25 -4.67 0.42
CA LEU A 38 3.80 -4.71 0.56
C LEU A 38 3.32 -5.87 1.43
N ASN A 39 2.42 -5.56 2.37
CA ASN A 39 1.83 -6.53 3.29
C ASN A 39 2.88 -7.20 4.16
N ASN A 40 4.00 -6.51 4.39
CA ASN A 40 5.12 -6.96 5.20
C ASN A 40 5.87 -8.12 4.57
N ILE A 41 5.66 -8.37 3.29
CA ILE A 41 6.35 -9.43 2.55
C ILE A 41 7.40 -8.78 1.66
N PRO A 42 8.66 -9.20 1.75
CA PRO A 42 9.66 -8.66 0.82
C PRO A 42 9.21 -8.89 -0.61
N GLN A 43 9.40 -7.87 -1.44
CA GLN A 43 8.93 -7.90 -2.82
C GLN A 43 10.13 -7.91 -3.76
N ALA A 44 9.88 -8.32 -5.01
CA ALA A 44 10.94 -8.29 -6.02
C ALA A 44 11.62 -6.93 -6.13
N ALA A 45 10.88 -5.84 -5.89
CA ALA A 45 11.46 -4.51 -6.01
C ALA A 45 12.62 -4.32 -5.03
N LEU A 46 12.51 -4.91 -3.83
CA LEU A 46 13.60 -4.83 -2.86
C LEU A 46 14.86 -5.49 -3.42
N GLY A 47 14.69 -6.62 -4.12
CA GLY A 47 15.84 -7.26 -4.73
C GLY A 47 16.52 -6.35 -5.73
N GLU A 48 15.75 -5.70 -6.59
N GLU A 48 15.74 -5.69 -6.58
CA GLU A 48 16.37 -4.77 -7.54
CA GLU A 48 16.30 -4.76 -7.56
C GLU A 48 17.06 -3.63 -6.82
C GLU A 48 16.99 -3.58 -6.88
N TYR A 49 16.41 -3.08 -5.78
CA TYR A 49 16.99 -1.96 -5.06
C TYR A 49 18.32 -2.30 -4.40
N TYR A 50 18.38 -3.42 -3.66
CA TYR A 50 19.63 -3.75 -3.02
C TYR A 50 20.68 -4.20 -4.03
N GLU A 51 20.25 -4.88 -5.10
CA GLU A 51 21.20 -5.27 -6.14
C GLU A 51 21.87 -4.06 -6.77
N GLN A 52 21.10 -2.97 -6.97
CA GLN A 52 21.69 -1.76 -7.57
C GLN A 52 22.81 -1.19 -6.71
N ARG A 53 22.71 -1.33 -5.39
CA ARG A 53 23.62 -0.68 -4.46
C ARG A 53 24.74 -1.60 -4.00
N ALA A 54 24.63 -2.90 -4.29
CA ALA A 54 25.62 -3.88 -3.88
C ALA A 54 26.91 -3.75 -4.67
N THR A 55 28.03 -3.95 -3.99
CA THR A 55 29.34 -3.95 -4.61
C THR A 55 30.13 -5.13 -4.06
N ALA A 56 31.13 -5.57 -4.82
CA ALA A 56 31.95 -6.70 -4.40
C ALA A 56 32.74 -6.32 -3.16
N GLY A 57 32.51 -7.03 -2.06
CA GLY A 57 33.16 -6.71 -0.81
C GLY A 57 32.56 -5.55 -0.06
N GLY A 58 31.40 -5.03 -0.49
CA GLY A 58 30.74 -3.96 0.24
C GLY A 58 29.70 -4.48 1.21
N PHE A 59 29.48 -3.73 2.28
CA PHE A 59 28.55 -4.14 3.34
C PHE A 59 27.24 -3.37 3.22
N LEU A 60 26.11 -4.11 3.22
CA LEU A 60 24.77 -3.54 3.18
C LEU A 60 23.99 -3.92 4.44
N ILE A 61 23.23 -2.97 4.99
CA ILE A 61 22.30 -3.25 6.08
C ILE A 61 20.89 -2.97 5.58
N THR A 62 19.97 -3.92 5.79
CA THR A 62 18.61 -3.74 5.29
C THR A 62 17.86 -2.70 6.13
N GLU A 63 16.78 -2.22 5.52
CA GLU A 63 15.69 -1.55 6.23
C GLU A 63 15.31 -2.32 7.50
N GLY A 64 14.81 -1.59 8.51
CA GLY A 64 14.31 -2.25 9.71
C GLY A 64 13.27 -3.29 9.35
N THR A 65 13.32 -4.46 10.01
CA THR A 65 12.50 -5.61 9.65
C THR A 65 11.78 -6.13 10.89
N MET A 66 10.48 -6.37 10.76
CA MET A 66 9.66 -6.75 11.91
C MET A 66 10.11 -8.08 12.51
N ILE A 67 10.05 -8.17 13.84
CA ILE A 67 10.32 -9.43 14.55
C ILE A 67 9.05 -10.12 15.03
N SER A 68 7.89 -9.50 14.87
CA SER A 68 6.63 -10.04 15.37
C SER A 68 5.47 -9.24 14.80
N PRO A 69 4.24 -9.72 14.91
CA PRO A 69 3.10 -8.95 14.39
C PRO A 69 2.87 -7.61 15.06
N THR A 70 3.43 -7.38 16.25
CA THR A 70 3.22 -6.12 16.99
C THR A 70 4.38 -5.14 16.83
N SER A 71 5.36 -5.45 15.99
CA SER A 71 6.60 -4.70 16.01
C SER A 71 6.60 -3.52 15.04
N ALA A 72 5.53 -3.28 14.28
CA ALA A 72 5.59 -2.30 13.19
C ALA A 72 4.93 -0.98 13.56
N GLY A 73 5.47 0.09 12.97
CA GLY A 73 4.89 1.42 13.10
C GLY A 73 5.01 2.24 11.83
N PHE A 74 5.18 1.57 10.69
CA PHE A 74 5.24 2.12 9.35
C PHE A 74 4.48 1.18 8.45
N PRO A 75 3.98 1.66 7.31
CA PRO A 75 3.28 0.76 6.38
C PRO A 75 4.25 -0.02 5.51
N HIS A 76 3.90 -1.29 5.26
CA HIS A 76 4.57 -2.09 4.23
C HIS A 76 6.07 -2.19 4.49
N VAL A 77 6.42 -2.39 5.76
CA VAL A 77 7.79 -2.72 6.13
C VAL A 77 7.91 -4.24 6.18
N PRO A 78 9.04 -4.81 5.79
CA PRO A 78 9.16 -6.27 5.76
C PRO A 78 9.23 -6.86 7.16
N GLY A 79 8.78 -8.10 7.29
CA GLY A 79 9.02 -8.89 8.47
C GLY A 79 9.97 -10.05 8.16
N ILE A 80 10.42 -10.72 9.23
CA ILE A 80 11.17 -11.96 9.05
C ILE A 80 10.76 -12.94 10.14
N PHE A 81 9.47 -12.88 10.53
CA PHE A 81 8.93 -13.79 11.54
C PHE A 81 8.06 -14.90 10.98
N THR A 82 7.76 -14.91 9.67
CA THR A 82 7.02 -16.02 9.05
C THR A 82 7.89 -16.71 8.02
N LYS A 83 7.53 -17.96 7.71
CA LYS A 83 8.33 -18.69 6.73
C LYS A 83 8.12 -18.14 5.32
N GLU A 84 6.94 -17.58 5.03
CA GLU A 84 6.74 -16.88 3.76
C GLU A 84 7.71 -15.70 3.62
N GLN A 85 7.89 -14.92 4.69
CA GLN A 85 8.85 -13.82 4.63
C GLN A 85 10.28 -14.33 4.41
N VAL A 86 10.65 -15.42 5.10
CA VAL A 86 11.98 -16.00 4.94
C VAL A 86 12.22 -16.44 3.50
N ARG A 87 11.21 -17.07 2.89
CA ARG A 87 11.31 -17.51 1.49
C ARG A 87 11.57 -16.34 0.55
N GLU A 88 10.87 -15.22 0.75
CA GLU A 88 11.06 -14.09 -0.15
C GLU A 88 12.36 -13.35 0.13
N TRP A 89 12.78 -13.28 1.40
CA TRP A 89 14.07 -12.69 1.70
C TRP A 89 15.20 -13.46 1.05
N LYS A 90 15.08 -14.78 0.99
CA LYS A 90 16.14 -15.61 0.42
C LYS A 90 16.43 -15.22 -1.02
N LYS A 91 15.39 -14.88 -1.78
CA LYS A 91 15.58 -14.45 -3.16
C LYS A 91 16.38 -13.14 -3.23
N ILE A 92 16.11 -12.23 -2.30
CA ILE A 92 16.82 -10.95 -2.29
C ILE A 92 18.27 -11.15 -1.87
N VAL A 93 18.48 -11.92 -0.80
CA VAL A 93 19.83 -12.19 -0.34
C VAL A 93 20.64 -12.85 -1.44
N ASP A 94 20.02 -13.74 -2.21
CA ASP A 94 20.77 -14.42 -3.27
C ASP A 94 21.25 -13.43 -4.33
N VAL A 95 20.41 -12.48 -4.72
CA VAL A 95 20.85 -11.54 -5.76
C VAL A 95 21.93 -10.60 -5.21
N VAL A 96 21.88 -10.26 -3.92
CA VAL A 96 22.92 -9.42 -3.33
C VAL A 96 24.24 -10.18 -3.24
N HIS A 97 24.17 -11.44 -2.80
CA HIS A 97 25.38 -12.25 -2.71
C HIS A 97 26.00 -12.51 -4.08
N ALA A 98 25.18 -12.57 -5.13
CA ALA A 98 25.72 -12.78 -6.48
C ALA A 98 26.62 -11.63 -6.90
N LYS A 99 26.42 -10.44 -6.34
CA LYS A 99 27.28 -9.30 -6.61
C LYS A 99 28.49 -9.25 -5.68
N GLY A 100 28.59 -10.15 -4.72
CA GLY A 100 29.73 -10.21 -3.83
C GLY A 100 29.60 -9.37 -2.58
N ALA A 101 28.41 -8.88 -2.27
CA ALA A 101 28.21 -8.05 -1.09
C ALA A 101 27.96 -8.91 0.14
N VAL A 102 28.16 -8.29 1.30
CA VAL A 102 27.81 -8.86 2.59
C VAL A 102 26.57 -8.12 3.07
N ILE A 103 25.58 -8.84 3.61
CA ILE A 103 24.33 -8.16 3.96
C ILE A 103 23.82 -8.63 5.31
N PHE A 104 23.48 -7.67 6.18
CA PHE A 104 22.85 -7.92 7.46
C PHE A 104 21.41 -7.44 7.43
N CYS A 105 20.54 -8.17 8.14
CA CYS A 105 19.13 -7.80 8.32
C CYS A 105 18.97 -7.05 9.63
N GLN A 106 18.42 -5.81 9.58
CA GLN A 106 18.18 -5.07 10.81
C GLN A 106 16.86 -5.50 11.45
N LEU A 107 16.92 -5.93 12.72
CA LEU A 107 15.73 -6.36 13.44
C LEU A 107 15.16 -5.20 14.24
N TRP A 108 13.87 -4.91 14.03
CA TRP A 108 13.29 -3.63 14.42
C TRP A 108 11.94 -3.84 15.12
N HIS A 109 11.85 -3.38 16.36
CA HIS A 109 10.56 -3.27 17.05
C HIS A 109 10.39 -1.81 17.46
N VAL A 110 9.27 -1.20 17.02
CA VAL A 110 9.05 0.23 17.25
C VAL A 110 8.52 0.57 18.63
N GLY A 111 8.04 -0.41 19.39
CA GLY A 111 7.46 -0.08 20.70
C GLY A 111 6.30 0.89 20.58
N ARG A 112 6.35 1.95 21.40
CA ARG A 112 5.25 2.91 21.43
C ARG A 112 5.14 3.75 20.17
N ALA A 113 6.12 3.71 19.26
CA ALA A 113 6.08 4.50 18.03
C ALA A 113 5.24 3.79 16.98
N SER A 114 3.96 3.59 17.31
CA SER A 114 3.03 2.88 16.44
C SER A 114 1.66 3.50 16.58
N HIS A 115 0.65 2.79 16.08
CA HIS A 115 -0.71 3.30 16.03
C HIS A 115 -1.63 2.08 15.95
N GLU A 116 -2.87 2.28 16.39
CA GLU A 116 -3.85 1.21 16.29
C GLU A 116 -3.91 0.59 14.89
N VAL A 117 -3.76 1.40 13.84
CA VAL A 117 -3.87 0.91 12.47
C VAL A 117 -2.78 -0.10 12.12
N TYR A 118 -1.66 -0.08 12.86
CA TYR A 118 -0.53 -0.97 12.60
C TYR A 118 -0.51 -2.19 13.51
N GLN A 119 -1.47 -2.30 14.46
CA GLN A 119 -1.43 -3.33 15.48
C GLN A 119 -2.53 -4.35 15.25
N PRO A 120 -2.25 -5.63 15.50
CA PRO A 120 -3.30 -6.66 15.40
C PRO A 120 -4.48 -6.32 16.30
N ALA A 121 -5.68 -6.42 15.73
CA ALA A 121 -6.93 -6.14 16.43
C ALA A 121 -7.02 -4.69 16.91
N GLY A 122 -6.19 -3.80 16.37
CA GLY A 122 -6.22 -2.41 16.79
C GLY A 122 -5.82 -2.19 18.22
N ALA A 123 -5.05 -3.11 18.81
CA ALA A 123 -4.64 -2.99 20.20
C ALA A 123 -3.59 -1.89 20.36
N ALA A 124 -3.34 -1.52 21.62
CA ALA A 124 -2.35 -0.50 21.90
C ALA A 124 -0.94 -1.06 21.64
N PRO A 125 -0.04 -0.21 21.15
CA PRO A 125 1.38 -0.62 21.04
C PRO A 125 1.95 -0.91 22.42
N ILE A 126 3.09 -1.58 22.46
CA ILE A 126 3.72 -1.93 23.73
C ILE A 126 4.93 -1.04 23.98
N SER A 127 5.28 -0.89 25.26
CA SER A 127 6.44 -0.08 25.62
C SER A 127 6.89 -0.43 27.03
N SER A 128 7.92 0.26 27.49
CA SER A 128 8.41 0.17 28.86
C SER A 128 7.45 0.83 29.85
N THR A 129 6.65 1.79 29.39
CA THR A 129 5.81 2.62 30.25
C THR A 129 4.51 2.89 29.51
N GLU A 130 3.60 3.61 30.16
CA GLU A 130 2.36 4.05 29.54
C GLU A 130 2.46 5.45 28.93
N LYS A 131 3.63 6.07 28.97
CA LYS A 131 3.79 7.42 28.40
C LYS A 131 3.80 7.38 26.88
N PRO A 132 2.96 8.17 26.22
CA PRO A 132 3.02 8.27 24.75
C PRO A 132 4.09 9.26 24.30
N ILE A 133 4.46 9.13 23.01
CA ILE A 133 5.15 10.21 22.35
C ILE A 133 4.23 11.43 22.35
N SER A 134 4.79 12.62 22.59
CA SER A 134 3.95 13.81 22.67
C SER A 134 3.48 14.25 21.29
N ASN A 135 2.52 15.20 21.29
CA ASN A 135 1.94 15.67 20.03
C ASN A 135 2.89 16.54 19.19
N ARG A 136 4.13 16.77 19.64
CA ARG A 136 5.13 17.40 18.79
C ARG A 136 5.45 16.51 17.59
N TRP A 137 5.23 15.20 17.70
CA TRP A 137 5.50 14.25 16.63
C TRP A 137 4.21 13.61 16.14
N ARG A 138 4.16 13.30 14.85
CA ARG A 138 2.99 12.68 14.24
C ARG A 138 3.46 11.45 13.46
N ILE A 139 2.59 10.45 13.36
CA ILE A 139 2.95 9.18 12.73
C ILE A 139 2.40 9.13 11.31
N LEU A 140 3.23 8.66 10.38
CA LEU A 140 2.79 8.46 9.01
C LEU A 140 1.77 7.32 8.95
N MET A 141 0.59 7.60 8.37
CA MET A 141 -0.49 6.63 8.26
C MET A 141 -0.46 5.93 6.91
N PRO A 142 -1.12 4.77 6.78
CA PRO A 142 -1.08 4.06 5.48
C PRO A 142 -1.64 4.86 4.32
N ASP A 143 -2.55 5.80 4.54
CA ASP A 143 -3.07 6.59 3.43
C ASP A 143 -2.23 7.85 3.16
N GLY A 144 -1.11 8.03 3.85
CA GLY A 144 -0.24 9.15 3.59
C GLY A 144 -0.52 10.38 4.42
N THR A 145 -1.59 10.36 5.22
CA THR A 145 -1.82 11.42 6.17
C THR A 145 -0.97 11.17 7.42
N HIS A 146 -1.09 12.04 8.41
CA HIS A 146 -0.36 11.89 9.67
C HIS A 146 -1.33 11.77 10.83
N GLY A 147 -1.02 10.87 11.76
CA GLY A 147 -1.88 10.57 12.88
C GLY A 147 -1.21 10.82 14.23
N ILE A 148 -1.97 10.49 15.27
N ILE A 148 -1.96 10.48 15.27
CA ILE A 148 -1.57 10.75 16.66
CA ILE A 148 -1.57 10.75 16.65
C ILE A 148 -1.01 9.48 17.27
C ILE A 148 -1.00 9.47 17.26
N TYR A 149 0.17 9.59 17.89
CA TYR A 149 0.72 8.45 18.62
C TYR A 149 -0.13 8.18 19.85
N PRO A 150 -0.60 6.95 20.05
CA PRO A 150 -1.44 6.65 21.21
C PRO A 150 -0.66 6.27 22.46
N LYS A 151 -1.39 6.14 23.56
CA LYS A 151 -0.79 5.68 24.79
C LYS A 151 -0.43 4.21 24.67
N PRO A 152 0.80 3.81 24.97
CA PRO A 152 1.16 2.40 24.89
C PRO A 152 0.77 1.65 26.16
N ARG A 153 0.89 0.33 26.08
CA ARG A 153 0.69 -0.56 27.21
C ARG A 153 2.07 -0.94 27.77
N ALA A 154 2.26 -0.76 29.07
CA ALA A 154 3.53 -1.08 29.71
C ALA A 154 3.60 -2.58 29.99
N ILE A 155 4.63 -3.24 29.45
CA ILE A 155 4.68 -4.70 29.53
C ILE A 155 5.36 -5.17 30.82
N GLY A 156 4.94 -6.34 31.30
CA GLY A 156 5.58 -6.99 32.42
C GLY A 156 6.76 -7.86 31.99
N THR A 157 7.40 -8.49 32.98
CA THR A 157 8.66 -9.16 32.67
C THR A 157 8.44 -10.45 31.89
N TYR A 158 7.28 -11.11 32.06
CA TYR A 158 7.01 -12.26 31.19
C TYR A 158 6.96 -11.82 29.74
N GLU A 159 6.21 -10.75 29.45
CA GLU A 159 6.12 -10.28 28.06
C GLU A 159 7.48 -9.80 27.55
N ILE A 160 8.29 -9.18 28.40
CA ILE A 160 9.66 -8.83 27.99
C ILE A 160 10.40 -10.07 27.52
N SER A 161 10.27 -11.18 28.26
N SER A 161 10.28 -11.18 28.27
CA SER A 161 10.98 -12.39 27.87
CA SER A 161 10.97 -12.41 27.88
C SER A 161 10.47 -12.95 26.55
C SER A 161 10.48 -12.92 26.53
N GLN A 162 9.18 -12.73 26.25
CA GLN A 162 8.63 -13.16 24.96
C GLN A 162 9.18 -12.30 23.83
N VAL A 163 9.35 -11.00 24.07
CA VAL A 163 9.91 -10.15 23.03
C VAL A 163 11.37 -10.51 22.77
N VAL A 164 12.15 -10.78 23.81
CA VAL A 164 13.51 -11.29 23.62
C VAL A 164 13.49 -12.55 22.75
N GLU A 165 12.56 -13.47 23.02
CA GLU A 165 12.46 -14.66 22.18
C GLU A 165 12.08 -14.32 20.74
N ASP A 166 11.30 -13.25 20.52
CA ASP A 166 10.99 -12.83 19.15
C ASP A 166 12.27 -12.41 18.42
N TYR A 167 13.15 -11.66 19.09
CA TYR A 167 14.43 -11.31 18.47
C TYR A 167 15.25 -12.57 18.16
N ARG A 168 15.28 -13.52 19.10
CA ARG A 168 16.08 -14.72 18.89
C ARG A 168 15.56 -15.51 17.69
N ARG A 169 14.24 -15.72 17.62
CA ARG A 169 13.67 -16.46 16.50
C ARG A 169 13.89 -15.74 15.17
N SER A 170 13.76 -14.42 15.17
CA SER A 170 14.00 -13.66 13.94
C SER A 170 15.45 -13.74 13.50
N ALA A 171 16.39 -13.75 14.45
CA ALA A 171 17.80 -13.92 14.10
C ALA A 171 18.03 -15.28 13.45
N LEU A 172 17.44 -16.33 14.00
CA LEU A 172 17.55 -17.64 13.37
C LEU A 172 16.91 -17.63 11.99
N ASN A 173 15.79 -16.95 11.83
CA ASN A 173 15.14 -16.87 10.52
C ASN A 173 16.00 -16.12 9.52
N ALA A 174 16.70 -15.07 9.97
CA ALA A 174 17.58 -14.33 9.06
C ALA A 174 18.71 -15.22 8.56
N ILE A 175 19.32 -16.01 9.43
CA ILE A 175 20.34 -16.96 8.98
C ILE A 175 19.73 -17.96 8.00
N GLU A 176 18.52 -18.43 8.27
CA GLU A 176 17.89 -19.39 7.36
C GLU A 176 17.67 -18.79 5.98
N ALA A 177 17.40 -17.48 5.90
CA ALA A 177 17.24 -16.81 4.62
C ALA A 177 18.57 -16.56 3.93
N GLY A 178 19.70 -16.80 4.60
CA GLY A 178 21.00 -16.60 4.00
C GLY A 178 21.70 -15.32 4.38
N PHE A 179 21.09 -14.46 5.19
CA PHE A 179 21.77 -13.26 5.65
C PHE A 179 23.10 -13.62 6.31
N ASP A 180 24.08 -12.74 6.13
CA ASP A 180 25.37 -12.93 6.81
C ASP A 180 25.27 -12.65 8.29
N GLY A 181 24.28 -11.87 8.71
CA GLY A 181 24.15 -11.50 10.10
C GLY A 181 22.93 -10.62 10.28
N ILE A 182 22.78 -10.11 11.51
CA ILE A 182 21.69 -9.20 11.85
C ILE A 182 22.24 -8.01 12.60
N GLU A 183 21.49 -6.90 12.56
CA GLU A 183 21.77 -5.73 13.38
C GLU A 183 20.58 -5.52 14.31
N ILE A 184 20.85 -5.33 15.60
CA ILE A 184 19.81 -4.98 16.56
C ILE A 184 19.56 -3.46 16.49
N HIS A 185 18.33 -3.07 16.16
CA HIS A 185 17.98 -1.64 16.13
C HIS A 185 17.67 -1.20 17.55
N GLY A 186 18.65 -0.58 18.21
CA GLY A 186 18.45 -0.14 19.57
C GLY A 186 18.50 1.37 19.66
N ALA A 187 18.10 2.05 18.58
CA ALA A 187 18.29 3.50 18.44
C ALA A 187 16.95 4.23 18.21
N HIS A 188 17.06 5.56 18.14
CA HIS A 188 16.05 6.44 17.55
C HIS A 188 14.70 6.40 18.25
N GLY A 189 14.67 6.09 19.55
CA GLY A 189 13.44 6.14 20.30
C GLY A 189 12.49 4.98 20.10
N TYR A 190 12.94 3.89 19.50
CA TYR A 190 12.09 2.72 19.31
C TYR A 190 12.16 1.85 20.58
N LEU A 191 11.72 0.58 20.50
CA LEU A 191 11.40 -0.17 21.73
C LEU A 191 12.59 -0.26 22.67
N ILE A 192 13.76 -0.67 22.16
CA ILE A 192 14.94 -0.78 23.03
C ILE A 192 15.30 0.57 23.64
N ASP A 193 15.22 1.64 22.84
CA ASP A 193 15.55 2.98 23.35
C ASP A 193 14.54 3.44 24.39
N GLN A 194 13.30 2.95 24.31
CA GLN A 194 12.29 3.27 25.32
C GLN A 194 12.61 2.63 26.67
N PHE A 195 13.43 1.57 26.70
CA PHE A 195 13.94 1.08 27.97
C PHE A 195 15.24 1.78 28.37
N LEU A 196 16.07 2.18 27.40
CA LEU A 196 17.36 2.77 27.73
C LEU A 196 17.26 4.17 28.32
N LYS A 197 16.39 5.02 27.76
CA LYS A 197 16.40 6.46 28.03
C LYS A 197 15.63 6.79 29.30
N ASP A 198 16.28 7.52 30.23
CA ASP A 198 15.55 7.85 31.46
C ASP A 198 14.49 8.92 31.24
N GLY A 199 14.46 9.57 30.07
CA GLY A 199 13.33 10.42 29.74
C GLY A 199 12.05 9.65 29.45
N ILE A 200 12.14 8.35 29.22
CA ILE A 200 10.98 7.50 28.96
C ILE A 200 10.78 6.47 30.07
N ASN A 201 11.85 5.76 30.44
CA ASN A 201 11.73 4.60 31.33
C ASN A 201 11.58 5.08 32.77
N ASP A 202 10.35 5.03 33.29
CA ASP A 202 10.08 5.36 34.69
C ASP A 202 9.75 4.13 35.54
N ARG A 203 10.15 2.94 35.09
CA ARG A 203 9.76 1.71 35.78
C ARG A 203 10.40 1.64 37.16
N THR A 204 9.73 0.91 38.05
CA THR A 204 10.24 0.63 39.39
C THR A 204 10.56 -0.84 39.61
N ASP A 205 10.52 -1.66 38.57
CA ASP A 205 10.92 -3.06 38.72
C ASP A 205 12.37 -3.21 38.28
N GLU A 206 12.79 -4.44 37.98
CA GLU A 206 14.20 -4.67 37.68
C GLU A 206 14.63 -4.15 36.31
N TYR A 207 13.73 -3.58 35.53
CA TYR A 207 14.09 -3.03 34.22
C TYR A 207 14.09 -1.51 34.23
N GLY A 208 13.96 -0.88 35.39
CA GLY A 208 13.94 0.56 35.48
C GLY A 208 14.65 1.04 36.72
N GLY A 209 14.77 2.37 36.80
CA GLY A 209 15.48 3.00 37.88
C GLY A 209 16.91 3.27 37.46
N SER A 210 17.80 2.41 37.89
CA SER A 210 19.22 2.63 37.69
C SER A 210 19.59 2.53 36.22
N LEU A 211 20.76 3.08 35.89
N LEU A 211 20.77 3.07 35.90
CA LEU A 211 21.35 2.86 34.58
CA LEU A 211 21.34 2.87 34.58
C LEU A 211 21.49 1.37 34.29
C LEU A 211 21.52 1.38 34.28
N ALA A 212 21.97 0.60 35.28
CA ALA A 212 22.12 -0.83 35.09
C ALA A 212 20.80 -1.50 34.74
N ASN A 213 19.72 -1.12 35.43
CA ASN A 213 18.41 -1.70 35.15
C ASN A 213 17.89 -1.29 33.77
N ARG A 214 18.09 -0.03 33.39
CA ARG A 214 17.65 0.41 32.07
C ARG A 214 18.40 -0.30 30.96
N CYS A 215 19.65 -0.73 31.22
CA CYS A 215 20.41 -1.47 30.22
C CYS A 215 20.08 -2.96 30.17
N LYS A 216 19.21 -3.43 31.06
CA LYS A 216 18.96 -4.87 31.14
C LYS A 216 18.33 -5.39 29.85
N PHE A 217 17.36 -4.67 29.30
CA PHE A 217 16.66 -5.19 28.11
C PHE A 217 17.60 -5.34 26.92
N ILE A 218 18.40 -4.31 26.62
CA ILE A 218 19.28 -4.45 25.45
C ILE A 218 20.30 -5.54 25.69
N THR A 219 20.76 -5.70 26.93
CA THR A 219 21.71 -6.78 27.24
C THR A 219 21.08 -8.14 26.96
N GLN A 220 19.84 -8.34 27.41
CA GLN A 220 19.19 -9.62 27.19
C GLN A 220 18.93 -9.88 25.72
N VAL A 221 18.56 -8.85 24.96
CA VAL A 221 18.34 -9.03 23.52
C VAL A 221 19.63 -9.45 22.83
N VAL A 222 20.71 -8.70 23.08
CA VAL A 222 21.98 -9.00 22.43
C VAL A 222 22.48 -10.38 22.85
N GLN A 223 22.36 -10.72 24.13
N GLN A 223 22.37 -10.71 24.14
CA GLN A 223 22.82 -12.04 24.56
CA GLN A 223 22.79 -12.03 24.59
C GLN A 223 22.01 -13.16 23.90
C GLN A 223 22.02 -13.14 23.89
N ALA A 224 20.71 -12.95 23.72
CA ALA A 224 19.89 -13.99 23.10
C ALA A 224 20.28 -14.23 21.66
N VAL A 225 20.48 -13.15 20.88
CA VAL A 225 20.82 -13.36 19.47
C VAL A 225 22.25 -13.87 19.32
N VAL A 226 23.17 -13.43 20.19
CA VAL A 226 24.54 -13.94 20.17
C VAL A 226 24.54 -15.44 20.44
N SER A 227 23.75 -15.89 21.42
N SER A 227 23.75 -15.88 21.43
CA SER A 227 23.70 -17.31 21.72
CA SER A 227 23.69 -17.31 21.72
C SER A 227 23.09 -18.11 20.58
C SER A 227 23.13 -18.09 20.55
N ALA A 228 22.23 -17.48 19.78
CA ALA A 228 21.55 -18.18 18.71
C ALA A 228 22.41 -18.30 17.45
N ILE A 229 23.09 -17.22 17.04
CA ILE A 229 23.76 -17.20 15.75
C ILE A 229 25.25 -16.88 15.84
N GLY A 230 25.77 -16.54 17.02
CA GLY A 230 27.18 -16.26 17.18
C GLY A 230 27.47 -14.78 17.16
N ALA A 231 28.37 -14.33 18.04
CA ALA A 231 28.59 -12.89 18.21
C ALA A 231 29.07 -12.24 16.91
N ASP A 232 29.87 -12.95 16.11
CA ASP A 232 30.45 -12.33 14.92
C ASP A 232 29.41 -12.08 13.85
N ARG A 233 28.18 -12.53 14.04
N ARG A 233 28.18 -12.54 14.06
CA ARG A 233 27.12 -12.23 13.08
CA ARG A 233 27.05 -12.35 13.17
C ARG A 233 26.11 -11.25 13.64
C ARG A 233 26.10 -11.26 13.66
N VAL A 234 26.47 -10.51 14.69
CA VAL A 234 25.55 -9.59 15.36
C VAL A 234 26.16 -8.19 15.42
N GLY A 235 25.45 -7.21 14.85
CA GLY A 235 25.79 -5.82 15.05
C GLY A 235 24.77 -5.14 15.95
N VAL A 236 25.13 -4.03 16.58
CA VAL A 236 24.22 -3.33 17.50
C VAL A 236 24.23 -1.86 17.16
N ARG A 237 23.04 -1.27 16.96
CA ARG A 237 22.92 0.15 16.66
C ARG A 237 22.28 0.89 17.84
N VAL A 238 22.92 1.97 18.30
CA VAL A 238 22.36 2.81 19.35
C VAL A 238 22.53 4.29 18.96
N SER A 239 21.83 5.15 19.70
CA SER A 239 21.89 6.60 19.46
C SER A 239 21.63 7.33 20.77
N PRO A 240 22.61 7.33 21.68
CA PRO A 240 22.37 7.89 23.01
C PRO A 240 22.07 9.38 23.00
N ALA A 241 22.49 10.09 21.95
CA ALA A 241 22.42 11.54 21.89
C ALA A 241 21.45 12.05 20.85
N ILE A 242 20.63 11.17 20.27
CA ILE A 242 19.53 11.57 19.40
C ILE A 242 18.23 11.50 20.19
N ASP A 243 17.46 12.60 20.16
CA ASP A 243 16.26 12.76 20.98
C ASP A 243 14.95 12.51 20.23
N HIS A 244 15.00 12.03 18.99
CA HIS A 244 13.87 11.60 18.17
C HIS A 244 12.74 10.95 18.95
N LEU A 245 11.49 11.36 18.68
CA LEU A 245 10.29 10.76 19.29
C LEU A 245 10.32 10.86 20.81
N ASP A 246 10.78 12.01 21.33
CA ASP A 246 10.77 12.28 22.77
C ASP A 246 11.58 11.25 23.55
N ALA A 247 12.72 10.85 23.01
CA ALA A 247 13.58 9.83 23.63
C ALA A 247 14.89 10.48 24.05
N MET A 248 14.87 11.16 25.19
CA MET A 248 16.03 11.87 25.69
C MET A 248 16.56 11.19 26.95
N ASP A 249 17.88 11.26 27.15
CA ASP A 249 18.50 10.87 28.40
C ASP A 249 19.13 12.08 29.06
N SER A 250 19.10 12.08 30.40
CA SER A 250 19.71 13.17 31.16
C SER A 250 21.22 13.18 31.04
N ASN A 251 21.83 12.04 30.73
CA ASN A 251 23.29 11.94 30.64
C ASN A 251 23.63 11.04 29.47
N PRO A 252 23.54 11.56 28.24
CA PRO A 252 23.74 10.70 27.04
C PRO A 252 25.07 9.99 27.02
N LEU A 253 26.17 10.66 27.41
CA LEU A 253 27.46 9.99 27.35
C LEU A 253 27.54 8.83 28.35
N SER A 254 27.00 9.02 29.55
N SER A 254 27.01 9.01 29.56
CA SER A 254 27.02 7.94 30.54
CA SER A 254 27.03 7.92 30.52
C SER A 254 26.16 6.77 30.09
C SER A 254 26.17 6.76 30.05
N LEU A 255 24.99 7.05 29.50
CA LEU A 255 24.18 5.99 28.93
C LEU A 255 24.94 5.22 27.86
N GLY A 256 25.59 5.95 26.94
CA GLY A 256 26.34 5.27 25.89
C GLY A 256 27.48 4.42 26.43
N LEU A 257 28.21 4.94 27.41
CA LEU A 257 29.31 4.16 27.98
C LEU A 257 28.79 2.95 28.75
N ALA A 258 27.61 3.06 29.37
CA ALA A 258 27.03 1.89 30.04
C ALA A 258 26.67 0.81 29.05
N VAL A 259 26.12 1.18 27.90
CA VAL A 259 25.84 0.19 26.87
C VAL A 259 27.13 -0.43 26.37
N VAL A 260 28.14 0.41 26.09
CA VAL A 260 29.42 -0.11 25.62
C VAL A 260 30.02 -1.08 26.63
N GLU A 261 30.00 -0.73 27.92
CA GLU A 261 30.50 -1.65 28.94
C GLU A 261 29.84 -3.03 28.84
N ARG A 262 28.52 -3.06 28.64
N ARG A 262 28.51 -3.06 28.67
CA ARG A 262 27.82 -4.33 28.61
CA ARG A 262 27.82 -4.34 28.60
C ARG A 262 28.10 -5.12 27.34
C ARG A 262 28.20 -5.12 27.35
N LEU A 263 28.34 -4.43 26.21
CA LEU A 263 28.77 -5.13 25.00
C LEU A 263 30.17 -5.72 25.17
N ASN A 264 31.08 -4.97 25.77
CA ASN A 264 32.42 -5.50 26.06
C ASN A 264 32.33 -6.76 26.93
N LYS A 265 31.43 -6.76 27.92
CA LYS A 265 31.31 -7.92 28.80
C LYS A 265 30.67 -9.12 28.10
N ILE A 266 29.67 -8.87 27.23
CA ILE A 266 29.09 -9.95 26.44
C ILE A 266 30.16 -10.62 25.59
N GLN A 267 31.07 -9.83 25.02
CA GLN A 267 32.10 -10.39 24.16
C GLN A 267 33.06 -11.26 24.95
N LEU A 268 33.50 -10.78 26.11
CA LEU A 268 34.40 -11.56 26.93
C LEU A 268 33.74 -12.86 27.37
N HIS A 269 32.47 -12.78 27.77
CA HIS A 269 31.74 -13.98 28.18
C HIS A 269 31.59 -14.96 27.02
N SER A 270 31.31 -14.45 25.81
CA SER A 270 31.11 -15.32 24.66
C SER A 270 32.41 -15.78 24.02
N GLY A 271 33.54 -15.16 24.37
CA GLY A 271 34.79 -15.49 23.72
C GLY A 271 34.87 -15.04 22.27
N SER A 272 34.11 -14.03 21.88
CA SER A 272 34.11 -13.56 20.50
C SER A 272 33.62 -12.13 20.45
N LYS A 273 34.13 -11.37 19.48
CA LYS A 273 33.66 -10.01 19.28
C LYS A 273 32.36 -9.99 18.47
N LEU A 274 31.52 -9.00 18.77
CA LEU A 274 30.39 -8.69 17.91
C LEU A 274 30.90 -8.27 16.53
N ALA A 275 29.98 -8.26 15.55
CA ALA A 275 30.36 -7.74 14.24
C ALA A 275 30.74 -6.27 14.33
N TYR A 276 29.99 -5.48 15.11
CA TYR A 276 30.27 -4.06 15.20
C TYR A 276 29.30 -3.39 16.16
N LEU A 277 29.66 -2.17 16.54
CA LEU A 277 28.82 -1.18 17.19
C LEU A 277 28.61 -0.04 16.18
N HIS A 278 27.35 0.35 16.01
CA HIS A 278 26.92 1.31 15.00
C HIS A 278 26.23 2.44 15.75
N VAL A 279 26.73 3.68 15.61
CA VAL A 279 26.19 4.78 16.42
C VAL A 279 25.82 5.93 15.49
N THR A 280 24.60 6.44 15.66
N THR A 280 24.61 6.46 15.64
CA THR A 280 24.13 7.63 14.97
CA THR A 280 24.18 7.59 14.81
C THR A 280 24.55 8.88 15.73
C THR A 280 24.28 8.88 15.60
N GLN A 281 24.94 9.90 15.00
CA GLN A 281 25.07 11.18 15.68
C GLN A 281 24.02 12.17 15.20
N PRO A 282 23.68 13.16 16.02
CA PRO A 282 22.59 14.08 15.67
C PRO A 282 22.87 15.21 14.66
N ARG A 283 24.11 15.71 14.60
CA ARG A 283 24.46 16.85 13.75
C ARG A 283 23.72 18.12 14.20
N SER A 297 27.30 21.74 20.00
CA SER A 297 28.25 22.12 18.96
C SER A 297 28.82 20.89 18.25
N GLU A 298 29.34 21.09 17.04
CA GLU A 298 29.92 20.00 16.28
C GLU A 298 31.09 19.35 17.02
N GLU A 299 31.95 20.17 17.62
CA GLU A 299 33.11 19.65 18.33
C GLU A 299 32.70 18.74 19.48
N GLU A 300 31.69 19.16 20.26
CA GLU A 300 31.23 18.33 21.36
C GLU A 300 30.65 17.01 20.87
N GLU A 301 29.84 17.06 19.80
CA GLU A 301 29.19 15.84 19.30
C GLU A 301 30.22 14.86 18.76
N ALA A 302 31.26 15.35 18.09
CA ALA A 302 32.33 14.48 17.65
C ALA A 302 33.09 13.88 18.82
N ARG A 303 33.23 14.65 19.90
CA ARG A 303 33.88 14.13 21.10
C ARG A 303 33.07 13.01 21.73
N LEU A 304 31.74 13.17 21.78
CA LEU A 304 30.87 12.10 22.25
C LEU A 304 31.10 10.83 21.43
N MET A 305 31.07 10.95 20.10
CA MET A 305 31.30 9.79 19.24
C MET A 305 32.66 9.15 19.48
N ARG A 306 33.71 9.97 19.59
CA ARG A 306 35.04 9.39 19.77
C ARG A 306 35.18 8.71 21.11
N THR A 307 34.51 9.25 22.13
CA THR A 307 34.54 8.64 23.47
C THR A 307 33.93 7.25 23.45
N LEU A 308 32.78 7.09 22.78
CA LEU A 308 32.18 5.76 22.64
C LEU A 308 33.08 4.82 21.85
N ARG A 309 33.62 5.30 20.72
CA ARG A 309 34.52 4.48 19.91
C ARG A 309 35.70 3.98 20.73
N ASN A 310 36.34 4.89 21.47
CA ASN A 310 37.51 4.53 22.26
C ASN A 310 37.16 3.52 23.36
N ALA A 311 35.93 3.58 23.88
CA ALA A 311 35.54 2.70 24.97
C ALA A 311 35.19 1.30 24.50
N TYR A 312 34.87 1.12 23.22
CA TYR A 312 34.34 -0.14 22.71
C TYR A 312 35.46 -1.00 22.14
N GLN A 313 35.49 -2.27 22.56
CA GLN A 313 36.48 -3.23 22.10
C GLN A 313 36.00 -3.90 20.82
N GLY A 314 36.05 -3.17 19.70
CA GLY A 314 35.67 -3.77 18.44
C GLY A 314 35.48 -2.73 17.35
N THR A 315 34.79 -3.18 16.30
CA THR A 315 34.55 -2.37 15.10
C THR A 315 33.47 -1.33 15.34
N PHE A 316 33.71 -0.12 14.84
CA PHE A 316 32.82 1.02 15.08
C PHE A 316 32.34 1.57 13.73
N ILE A 317 31.03 1.65 13.55
CA ILE A 317 30.42 2.25 12.36
C ILE A 317 29.77 3.57 12.77
N CYS A 318 30.15 4.65 12.09
CA CYS A 318 29.54 5.95 12.36
C CYS A 318 28.52 6.29 11.28
N SER A 319 27.48 7.03 11.66
CA SER A 319 26.40 7.37 10.73
C SER A 319 25.79 8.70 11.11
N GLY A 320 25.21 9.36 10.12
CA GLY A 320 24.45 10.57 10.37
C GLY A 320 25.11 11.81 9.79
N GLY A 321 24.64 12.22 8.61
CA GLY A 321 25.14 13.42 7.97
C GLY A 321 26.52 13.31 7.38
N TYR A 322 26.99 12.11 7.07
CA TYR A 322 28.33 12.00 6.53
C TYR A 322 28.35 12.33 5.04
N THR A 323 29.49 12.83 4.59
CA THR A 323 29.76 13.14 3.20
C THR A 323 31.02 12.41 2.80
N ARG A 324 31.42 12.58 1.54
CA ARG A 324 32.69 11.99 1.12
C ARG A 324 33.83 12.49 1.99
N GLU A 325 33.92 13.81 2.18
N GLU A 325 33.92 13.81 2.18
CA GLU A 325 35.05 14.38 2.91
CA GLU A 325 35.03 14.39 2.91
C GLU A 325 34.99 14.02 4.40
C GLU A 325 34.98 13.99 4.39
N LEU A 326 33.80 14.05 4.99
CA LEU A 326 33.68 13.68 6.40
C LEU A 326 33.92 12.20 6.62
N GLY A 327 33.50 11.36 5.67
CA GLY A 327 33.80 9.95 5.78
C GLY A 327 35.29 9.65 5.66
N ILE A 328 35.97 10.30 4.72
CA ILE A 328 37.41 10.12 4.60
C ILE A 328 38.11 10.52 5.90
N GLU A 329 37.72 11.67 6.45
N GLU A 329 37.71 11.66 6.47
CA GLU A 329 38.34 12.14 7.69
CA GLU A 329 38.36 12.13 7.68
C GLU A 329 38.11 11.16 8.83
C GLU A 329 38.07 11.24 8.88
N ALA A 330 36.87 10.65 8.96
CA ALA A 330 36.56 9.75 10.07
C ALA A 330 37.50 8.54 10.06
N VAL A 331 37.74 7.95 8.90
CA VAL A 331 38.57 6.76 8.85
C VAL A 331 40.04 7.13 9.04
N ALA A 332 40.48 8.23 8.41
CA ALA A 332 41.89 8.59 8.46
C ALA A 332 42.32 8.96 9.87
N GLN A 333 41.45 9.60 10.63
N GLN A 333 41.44 9.60 10.63
CA GLN A 333 41.78 10.04 11.98
CA GLN A 333 41.76 10.05 11.98
C GLN A 333 41.48 8.97 13.03
C GLN A 333 41.51 8.96 13.03
N GLY A 334 41.06 7.79 12.62
CA GLY A 334 40.78 6.71 13.55
C GLY A 334 39.47 6.83 14.30
N ASP A 335 38.58 7.74 13.87
CA ASP A 335 37.30 7.97 14.55
C ASP A 335 36.30 6.86 14.30
N ALA A 336 36.44 6.13 13.20
CA ALA A 336 35.53 5.04 12.86
C ALA A 336 36.24 4.09 11.93
N ASP A 337 35.78 2.84 11.92
CA ASP A 337 36.29 1.85 10.98
C ASP A 337 35.48 1.79 9.70
N LEU A 338 34.17 1.99 9.80
CA LEU A 338 33.27 1.98 8.66
C LEU A 338 32.36 3.19 8.76
N VAL A 339 31.86 3.66 7.63
CA VAL A 339 31.00 4.85 7.57
C VAL A 339 29.74 4.48 6.80
N SER A 340 28.57 4.66 7.41
CA SER A 340 27.33 4.35 6.71
C SER A 340 26.65 5.61 6.22
N TYR A 341 26.07 5.51 5.04
CA TYR A 341 25.41 6.58 4.33
C TYR A 341 23.97 6.18 4.08
N GLY A 342 23.03 7.11 4.36
CA GLY A 342 21.63 6.87 4.11
C GLY A 342 21.11 7.62 2.91
N ARG A 343 20.77 8.91 3.09
CA ARG A 343 20.05 9.64 2.05
C ARG A 343 20.81 9.65 0.72
N LEU A 344 22.14 9.82 0.73
CA LEU A 344 22.85 9.86 -0.55
C LEU A 344 22.81 8.50 -1.24
N PHE A 345 22.70 7.41 -0.47
CA PHE A 345 22.52 6.11 -1.10
C PHE A 345 21.12 5.93 -1.71
N ILE A 346 20.12 6.68 -1.23
CA ILE A 346 18.81 6.60 -1.86
C ILE A 346 18.90 7.01 -3.32
N SER A 347 19.56 8.14 -3.59
CA SER A 347 19.57 8.74 -4.92
C SER A 347 20.81 8.42 -5.74
N ASN A 348 21.77 7.72 -5.18
CA ASN A 348 22.99 7.36 -5.90
C ASN A 348 23.20 5.86 -5.73
N PRO A 349 22.62 5.05 -6.62
CA PRO A 349 22.77 3.59 -6.44
C PRO A 349 24.22 3.19 -6.47
N ASP A 350 25.01 3.86 -7.30
CA ASP A 350 26.45 3.64 -7.34
C ASP A 350 27.21 4.62 -6.45
N LEU A 351 26.73 4.86 -5.22
CA LEU A 351 27.40 5.80 -4.34
C LEU A 351 28.86 5.41 -4.08
N VAL A 352 29.12 4.10 -3.92
CA VAL A 352 30.49 3.67 -3.66
C VAL A 352 31.40 4.11 -4.80
N MET A 353 31.01 3.82 -6.03
CA MET A 353 31.81 4.22 -7.18
C MET A 353 31.96 5.73 -7.25
N ARG A 354 30.89 6.47 -6.98
CA ARG A 354 30.99 7.92 -7.07
C ARG A 354 31.94 8.48 -6.04
N ILE A 355 31.92 7.92 -4.83
CA ILE A 355 32.87 8.36 -3.81
C ILE A 355 34.30 8.02 -4.22
N LYS A 356 34.49 6.83 -4.80
CA LYS A 356 35.82 6.43 -5.25
C LYS A 356 36.37 7.40 -6.30
N LEU A 357 35.53 7.79 -7.27
CA LEU A 357 35.94 8.68 -8.35
C LEU A 357 35.84 10.15 -8.00
N ASN A 358 35.27 10.50 -6.85
CA ASN A 358 34.90 11.88 -6.51
C ASN A 358 34.01 12.49 -7.59
N ALA A 359 33.02 11.70 -8.06
CA ALA A 359 32.06 12.13 -9.07
C ALA A 359 30.89 12.85 -8.42
N PRO A 360 30.24 13.77 -9.15
CA PRO A 360 29.11 14.50 -8.57
C PRO A 360 27.96 13.56 -8.21
N LEU A 361 27.28 13.89 -7.12
CA LEU A 361 26.17 13.10 -6.59
C LEU A 361 24.83 13.67 -7.02
N ASN A 362 23.84 12.77 -7.12
CA ASN A 362 22.48 13.13 -7.50
C ASN A 362 21.64 13.49 -6.29
N LYS A 363 20.72 14.45 -6.47
CA LYS A 363 19.82 14.83 -5.39
C LYS A 363 18.79 13.73 -5.10
N TYR A 364 18.28 13.71 -3.87
CA TYR A 364 17.22 12.79 -3.45
C TYR A 364 15.91 13.54 -3.25
N ASN A 365 14.80 12.84 -3.46
N ASN A 365 14.80 12.82 -3.42
CA ASN A 365 13.45 13.42 -3.35
CA ASN A 365 13.46 13.39 -3.34
C ASN A 365 12.78 12.85 -2.09
C ASN A 365 12.78 12.84 -2.09
N ARG A 366 12.72 13.65 -1.04
CA ARG A 366 12.11 13.21 0.22
C ARG A 366 10.67 12.77 0.04
N LYS A 367 9.96 13.31 -0.97
CA LYS A 367 8.55 12.97 -1.12
C LYS A 367 8.33 11.50 -1.43
N THR A 368 9.35 10.80 -1.96
CA THR A 368 9.20 9.39 -2.30
C THR A 368 10.04 8.49 -1.40
N PHE A 369 10.45 8.97 -0.23
CA PHE A 369 11.16 8.10 0.73
C PHE A 369 10.29 6.93 1.17
N PHE A 370 8.99 7.17 1.43
CA PHE A 370 8.13 6.19 2.11
C PHE A 370 6.88 5.83 1.31
N THR A 371 6.85 6.13 0.02
CA THR A 371 5.74 5.74 -0.84
C THR A 371 5.88 4.28 -1.24
N GLN A 372 4.86 3.74 -1.92
CA GLN A 372 4.82 2.29 -2.18
C GLN A 372 5.22 1.90 -3.59
N ASP A 373 5.50 2.87 -4.46
CA ASP A 373 5.77 2.54 -5.85
C ASP A 373 7.02 1.68 -5.95
N PRO A 374 6.97 0.54 -6.67
CA PRO A 374 8.16 -0.32 -6.77
C PRO A 374 9.29 0.26 -7.59
N VAL A 375 9.06 1.35 -8.33
CA VAL A 375 10.06 1.96 -9.19
C VAL A 375 10.30 3.42 -8.85
N VAL A 376 9.24 4.21 -8.78
CA VAL A 376 9.37 5.66 -8.72
C VAL A 376 9.97 6.06 -7.38
N GLY A 377 11.10 6.78 -7.44
CA GLY A 377 11.83 7.18 -6.26
C GLY A 377 12.49 6.04 -5.53
N TYR A 378 12.61 4.88 -6.15
CA TYR A 378 13.14 3.70 -5.48
C TYR A 378 14.26 3.09 -6.31
N THR A 379 13.94 2.61 -7.51
CA THR A 379 14.96 2.05 -8.39
C THR A 379 15.23 2.87 -9.63
N ASP A 380 14.58 4.03 -9.79
CA ASP A 380 14.75 4.82 -11.02
C ASP A 380 15.72 5.99 -10.87
N TYR A 381 16.48 6.05 -9.79
CA TYR A 381 17.59 7.00 -9.72
C TYR A 381 18.74 6.49 -10.58
N PRO A 382 19.30 7.33 -11.46
CA PRO A 382 20.25 6.83 -12.46
C PRO A 382 21.64 6.58 -11.90
N PHE A 383 22.34 5.64 -12.56
CA PHE A 383 23.76 5.47 -12.34
C PHE A 383 24.52 6.59 -13.01
N LEU A 384 25.81 6.69 -12.68
CA LEU A 384 26.64 7.80 -13.14
C LEU A 384 26.65 7.88 -14.66
N GLN A 385 26.59 9.11 -15.18
CA GLN A 385 26.62 9.33 -16.62
C GLN A 385 27.97 9.90 -17.03
N ASN B 10 -27.02 -4.44 13.95
CA ASN B 10 -26.59 -4.67 12.57
C ASN B 10 -25.91 -3.43 12.00
N PRO B 11 -24.58 -3.49 11.84
CA PRO B 11 -23.85 -2.31 11.34
C PRO B 11 -24.18 -1.96 9.89
N LEU B 12 -24.79 -2.87 9.12
CA LEU B 12 -25.22 -2.50 7.79
C LEU B 12 -26.32 -1.45 7.83
N PHE B 13 -26.96 -1.25 8.98
CA PHE B 13 -28.01 -0.25 9.11
C PHE B 13 -27.61 0.88 10.05
N SER B 14 -26.31 1.09 10.20
CA SER B 14 -25.88 2.37 10.73
C SER B 14 -25.76 3.39 9.60
N PRO B 15 -26.11 4.64 9.84
CA PRO B 15 -26.08 5.64 8.76
C PRO B 15 -24.65 5.91 8.34
N TYR B 16 -24.52 6.48 7.15
CA TYR B 16 -23.20 6.78 6.61
C TYR B 16 -23.26 8.03 5.75
N LYS B 17 -22.31 8.93 5.96
CA LYS B 17 -22.24 10.17 5.18
C LYS B 17 -21.29 9.96 4.02
N MET B 18 -21.85 9.76 2.83
CA MET B 18 -21.05 9.66 1.60
C MET B 18 -20.93 11.07 1.03
N GLY B 19 -20.08 11.86 1.68
CA GLY B 19 -19.93 13.27 1.35
C GLY B 19 -21.21 14.03 1.63
N LYS B 20 -21.80 14.61 0.60
CA LYS B 20 -23.02 15.37 0.83
C LYS B 20 -24.27 14.50 0.84
N PHE B 21 -24.14 13.20 0.59
CA PHE B 21 -25.28 12.30 0.60
C PHE B 21 -25.30 11.54 1.92
N ASN B 22 -26.37 11.71 2.69
CA ASN B 22 -26.53 11.06 3.98
C ASN B 22 -27.32 9.76 3.77
N LEU B 23 -26.64 8.63 3.81
CA LEU B 23 -27.26 7.33 3.57
C LEU B 23 -27.82 6.73 4.87
N SER B 24 -28.98 6.08 4.78
CA SER B 24 -29.60 5.48 5.96
C SER B 24 -29.11 4.07 6.24
N HIS B 25 -28.45 3.43 5.27
CA HIS B 25 -27.92 2.09 5.46
C HIS B 25 -26.82 1.90 4.44
N ARG B 26 -26.10 0.78 4.57
N ARG B 26 -26.10 0.79 4.56
CA ARG B 26 -24.87 0.54 3.82
CA ARG B 26 -24.88 0.58 3.78
C ARG B 26 -25.05 -0.38 2.61
C ARG B 26 -25.03 -0.53 2.74
N VAL B 27 -26.25 -0.92 2.40
CA VAL B 27 -26.51 -1.88 1.32
C VAL B 27 -26.69 -1.10 0.01
N VAL B 28 -25.84 -1.38 -0.97
CA VAL B 28 -25.82 -0.64 -2.23
C VAL B 28 -26.25 -1.57 -3.37
N LEU B 29 -27.05 -1.05 -4.31
CA LEU B 29 -27.32 -1.78 -5.55
C LEU B 29 -26.10 -1.66 -6.47
N ALA B 30 -25.43 -2.78 -6.72
CA ALA B 30 -24.28 -2.78 -7.61
C ALA B 30 -24.73 -2.53 -9.05
N PRO B 31 -23.88 -1.91 -9.87
CA PRO B 31 -24.23 -1.69 -11.28
C PRO B 31 -24.36 -3.03 -12.00
N MET B 32 -25.48 -3.23 -12.70
CA MET B 32 -25.68 -4.48 -13.43
C MET B 32 -26.32 -4.24 -14.78
N THR B 33 -25.60 -4.61 -15.83
CA THR B 33 -26.15 -4.67 -17.19
C THR B 33 -27.28 -5.69 -17.27
N ARG B 34 -28.44 -5.27 -17.78
CA ARG B 34 -29.58 -6.16 -17.92
C ARG B 34 -30.19 -6.17 -19.32
N CYS B 35 -29.82 -5.23 -20.18
CA CYS B 35 -30.14 -5.25 -21.60
C CYS B 35 -31.62 -5.07 -21.88
N ARG B 36 -32.32 -4.26 -21.09
CA ARG B 36 -33.72 -3.93 -21.35
C ARG B 36 -33.91 -2.56 -21.97
N ALA B 37 -32.82 -1.80 -22.18
CA ALA B 37 -32.88 -0.44 -22.71
C ALA B 37 -32.84 -0.51 -24.23
N LEU B 38 -33.97 -0.89 -24.81
CA LEU B 38 -34.05 -1.16 -26.25
C LEU B 38 -33.54 0.01 -27.08
N ASN B 39 -32.67 -0.31 -28.04
CA ASN B 39 -32.05 0.67 -28.96
C ASN B 39 -31.25 1.72 -28.21
N ASN B 40 -30.74 1.35 -27.03
CA ASN B 40 -29.92 2.20 -26.18
C ASN B 40 -30.71 3.36 -25.57
N ILE B 41 -32.03 3.29 -25.60
CA ILE B 41 -32.87 4.31 -24.98
C ILE B 41 -33.43 3.76 -23.68
N PRO B 42 -33.28 4.45 -22.55
CA PRO B 42 -33.91 3.98 -21.32
C PRO B 42 -35.41 3.81 -21.51
N GLN B 43 -35.94 2.72 -20.99
CA GLN B 43 -37.35 2.37 -21.17
C GLN B 43 -38.10 2.48 -19.85
N ALA B 44 -39.43 2.57 -19.94
CA ALA B 44 -40.26 2.58 -18.74
C ALA B 44 -39.95 1.40 -17.82
N ALA B 45 -39.55 0.27 -18.40
CA ALA B 45 -39.26 -0.91 -17.60
C ALA B 45 -38.13 -0.64 -16.61
N LEU B 46 -37.11 0.12 -17.04
CA LEU B 46 -36.01 0.46 -16.14
C LEU B 46 -36.51 1.26 -14.95
N GLY B 47 -37.46 2.18 -15.18
CA GLY B 47 -38.05 2.90 -14.07
C GLY B 47 -38.72 2.00 -13.06
N GLU B 48 -39.50 1.02 -13.54
CA GLU B 48 -40.12 0.07 -12.62
C GLU B 48 -39.06 -0.71 -11.84
N TYR B 49 -38.01 -1.15 -12.54
CA TYR B 49 -36.96 -1.95 -11.93
C TYR B 49 -36.21 -1.19 -10.83
N TYR B 50 -35.76 0.03 -11.11
CA TYR B 50 -35.03 0.76 -10.07
C TYR B 50 -35.97 1.20 -8.96
N GLU B 51 -37.21 1.57 -9.30
CA GLU B 51 -38.16 1.95 -8.26
C GLU B 51 -38.42 0.80 -7.28
N GLN B 52 -38.47 -0.44 -7.78
CA GLN B 52 -38.69 -1.59 -6.91
C GLN B 52 -37.58 -1.73 -5.87
N ARG B 53 -36.36 -1.37 -6.25
CA ARG B 53 -35.19 -1.61 -5.43
C ARG B 53 -34.80 -0.40 -4.60
N ALA B 54 -35.39 0.76 -4.88
CA ALA B 54 -35.07 1.98 -4.15
C ALA B 54 -35.59 1.96 -2.72
N THR B 55 -34.80 2.54 -1.81
CA THR B 55 -35.19 2.69 -0.42
C THR B 55 -34.82 4.10 0.01
N ALA B 56 -35.50 4.58 1.05
CA ALA B 56 -35.22 5.93 1.55
C ALA B 56 -33.84 5.95 2.19
N GLY B 57 -32.96 6.79 1.64
CA GLY B 57 -31.59 6.85 2.09
C GLY B 57 -30.71 5.74 1.57
N GLY B 58 -31.19 4.93 0.61
CA GLY B 58 -30.37 3.89 0.02
C GLY B 58 -29.71 4.36 -1.26
N PHE B 59 -28.54 3.79 -1.54
CA PHE B 59 -27.73 4.18 -2.69
C PHE B 59 -27.86 3.14 -3.82
N LEU B 60 -28.18 3.62 -5.03
CA LEU B 60 -28.29 2.79 -6.23
C LEU B 60 -27.27 3.24 -7.28
N ILE B 61 -26.63 2.28 -7.95
CA ILE B 61 -25.78 2.56 -9.09
C ILE B 61 -26.41 1.90 -10.30
N THR B 62 -26.55 2.64 -11.39
CA THR B 62 -27.19 2.07 -12.57
C THR B 62 -26.27 1.08 -13.28
N GLU B 63 -26.91 0.28 -14.12
CA GLU B 63 -26.21 -0.46 -15.16
C GLU B 63 -25.24 0.45 -15.91
N GLY B 64 -24.16 -0.16 -16.43
CA GLY B 64 -23.23 0.59 -17.25
C GLY B 64 -23.94 1.29 -18.40
N THR B 65 -23.57 2.53 -18.67
CA THR B 65 -24.29 3.38 -19.62
C THR B 65 -23.31 3.96 -20.63
N MET B 66 -23.69 3.89 -21.92
CA MET B 66 -22.80 4.31 -23.00
C MET B 66 -22.47 5.79 -22.92
N ILE B 67 -21.22 6.13 -23.24
CA ILE B 67 -20.77 7.52 -23.32
C ILE B 67 -20.64 8.00 -24.76
N SER B 68 -20.82 7.11 -25.74
CA SER B 68 -20.62 7.45 -27.15
C SER B 68 -21.17 6.31 -28.00
N PRO B 69 -21.37 6.52 -29.30
CA PRO B 69 -21.86 5.44 -30.17
C PRO B 69 -20.93 4.25 -30.28
N THR B 70 -19.65 4.39 -29.93
CA THR B 70 -18.69 3.31 -30.04
C THR B 70 -18.44 2.58 -28.72
N SER B 71 -19.17 2.93 -27.67
CA SER B 71 -18.80 2.47 -26.34
C SER B 71 -19.49 1.16 -25.94
N ALA B 72 -20.33 0.55 -26.78
CA ALA B 72 -21.13 -0.57 -26.34
C ALA B 72 -20.57 -1.91 -26.83
N GLY B 73 -20.80 -2.93 -26.01
CA GLY B 73 -20.45 -4.31 -26.34
C GLY B 73 -21.47 -5.31 -25.83
N PHE B 74 -22.69 -4.84 -25.60
CA PHE B 74 -23.84 -5.63 -25.17
C PHE B 74 -25.04 -5.09 -25.90
N PRO B 75 -26.08 -5.90 -26.10
CA PRO B 75 -27.28 -5.38 -26.77
C PRO B 75 -28.15 -4.60 -25.81
N HIS B 76 -28.74 -3.52 -26.33
CA HIS B 76 -29.81 -2.80 -25.65
C HIS B 76 -29.39 -2.32 -24.26
N VAL B 77 -28.18 -1.78 -24.18
CA VAL B 77 -27.71 -1.08 -22.99
C VAL B 77 -27.99 0.40 -23.17
N PRO B 78 -28.32 1.11 -22.10
CA PRO B 78 -28.67 2.53 -22.25
C PRO B 78 -27.46 3.39 -22.54
N GLY B 79 -27.69 4.51 -23.24
CA GLY B 79 -26.71 5.56 -23.38
C GLY B 79 -27.12 6.81 -22.62
N ILE B 80 -26.18 7.74 -22.51
CA ILE B 80 -26.52 9.05 -21.97
C ILE B 80 -25.75 10.11 -22.75
N PHE B 81 -25.55 9.86 -24.04
CA PHE B 81 -24.83 10.81 -24.89
C PHE B 81 -25.76 11.59 -25.82
N THR B 82 -27.05 11.27 -25.86
CA THR B 82 -28.02 12.04 -26.65
C THR B 82 -29.05 12.68 -25.74
N LYS B 83 -29.68 13.73 -26.26
CA LYS B 83 -30.69 14.40 -25.46
C LYS B 83 -31.95 13.55 -25.31
N GLU B 84 -32.25 12.71 -26.32
CA GLU B 84 -33.35 11.75 -26.16
C GLU B 84 -33.11 10.81 -24.98
N GLN B 85 -31.88 10.31 -24.84
CA GLN B 85 -31.55 9.46 -23.70
C GLN B 85 -31.67 10.22 -22.39
N VAL B 86 -31.20 11.47 -22.36
CA VAL B 86 -31.29 12.29 -21.15
C VAL B 86 -32.74 12.48 -20.73
N ARG B 87 -33.62 12.73 -21.72
CA ARG B 87 -35.04 12.91 -21.45
C ARG B 87 -35.65 11.68 -20.81
N GLU B 88 -35.31 10.48 -21.31
CA GLU B 88 -35.87 9.27 -20.75
C GLU B 88 -35.25 8.91 -19.41
N TRP B 89 -33.95 9.19 -19.22
CA TRP B 89 -33.34 8.96 -17.91
C TRP B 89 -34.01 9.82 -16.84
N LYS B 90 -34.40 11.05 -17.19
N LYS B 90 -34.37 11.06 -17.20
CA LYS B 90 -34.96 11.93 -16.19
CA LYS B 90 -35.01 11.96 -16.24
C LYS B 90 -36.24 11.35 -15.57
C LYS B 90 -36.21 11.31 -15.57
N LYS B 91 -37.04 10.63 -16.37
CA LYS B 91 -38.25 10.02 -15.83
C LYS B 91 -37.91 8.94 -14.81
N ILE B 92 -36.84 8.19 -15.07
CA ILE B 92 -36.42 7.14 -14.16
C ILE B 92 -35.83 7.73 -12.88
N VAL B 93 -34.94 8.71 -13.01
CA VAL B 93 -34.36 9.35 -11.84
C VAL B 93 -35.44 9.97 -10.96
N ASP B 94 -36.48 10.53 -11.57
CA ASP B 94 -37.56 11.16 -10.80
C ASP B 94 -38.27 10.14 -9.93
N VAL B 95 -38.56 8.97 -10.48
N VAL B 95 -38.57 8.96 -10.46
CA VAL B 95 -39.28 7.95 -9.74
CA VAL B 95 -39.32 8.00 -9.65
C VAL B 95 -38.44 7.43 -8.57
C VAL B 95 -38.44 7.41 -8.55
N VAL B 96 -37.13 7.29 -8.78
CA VAL B 96 -36.25 6.82 -7.73
C VAL B 96 -36.10 7.87 -6.64
N HIS B 97 -35.95 9.13 -7.03
CA HIS B 97 -35.84 10.20 -6.04
C HIS B 97 -37.13 10.34 -5.23
N ALA B 98 -38.28 10.00 -5.83
CA ALA B 98 -39.54 10.06 -5.09
C ALA B 98 -39.57 9.06 -3.94
N LYS B 99 -38.81 7.97 -4.04
CA LYS B 99 -38.68 7.00 -2.96
C LYS B 99 -37.57 7.37 -1.96
N GLY B 100 -36.83 8.45 -2.22
CA GLY B 100 -35.81 8.92 -1.31
C GLY B 100 -34.43 8.33 -1.52
N ALA B 101 -34.21 7.65 -2.63
CA ALA B 101 -32.91 7.04 -2.88
C ALA B 101 -31.95 8.04 -3.51
N VAL B 102 -30.67 7.70 -3.41
CA VAL B 102 -29.59 8.41 -4.10
C VAL B 102 -29.18 7.52 -5.27
N ILE B 103 -28.98 8.09 -6.45
CA ILE B 103 -28.68 7.26 -7.62
C ILE B 103 -27.55 7.88 -8.42
N PHE B 104 -26.56 7.05 -8.73
CA PHE B 104 -25.44 7.40 -9.60
C PHE B 104 -25.58 6.62 -10.91
N CYS B 105 -25.21 7.27 -12.02
CA CYS B 105 -25.14 6.64 -13.33
C CYS B 105 -23.72 6.15 -13.61
N GLN B 106 -23.56 4.86 -13.93
CA GLN B 106 -22.23 4.33 -14.26
C GLN B 106 -21.90 4.60 -15.72
N LEU B 107 -20.77 5.26 -15.98
CA LEU B 107 -20.35 5.57 -17.34
C LEU B 107 -19.41 4.48 -17.82
N TRP B 108 -19.74 3.88 -18.97
CA TRP B 108 -19.15 2.61 -19.38
C TRP B 108 -18.72 2.65 -20.84
N HIS B 109 -17.43 2.44 -21.08
CA HIS B 109 -16.91 2.18 -22.43
C HIS B 109 -16.21 0.83 -22.41
N VAL B 110 -16.64 -0.08 -23.30
CA VAL B 110 -16.11 -1.45 -23.29
C VAL B 110 -14.77 -1.61 -23.99
N GLY B 111 -14.34 -0.63 -24.78
CA GLY B 111 -13.10 -0.78 -25.52
C GLY B 111 -13.17 -1.98 -26.46
N ARG B 112 -12.14 -2.84 -26.38
CA ARG B 112 -12.05 -3.99 -27.29
C ARG B 112 -13.08 -5.07 -27.02
N ALA B 113 -13.82 -5.00 -25.92
CA ALA B 113 -14.83 -6.01 -25.58
C ALA B 113 -16.14 -5.69 -26.30
N SER B 114 -16.07 -5.70 -27.63
CA SER B 114 -17.22 -5.40 -28.48
C SER B 114 -17.13 -6.27 -29.72
N HIS B 115 -17.93 -5.92 -30.73
CA HIS B 115 -18.05 -6.73 -31.94
C HIS B 115 -18.54 -5.81 -33.03
N GLU B 116 -18.27 -6.19 -34.28
CA GLU B 116 -18.76 -5.43 -35.43
C GLU B 116 -20.26 -5.12 -35.32
N VAL B 117 -21.05 -6.06 -34.82
CA VAL B 117 -22.50 -5.87 -34.74
C VAL B 117 -22.89 -4.73 -33.80
N TYR B 118 -22.00 -4.37 -32.87
CA TYR B 118 -22.28 -3.32 -31.90
C TYR B 118 -21.68 -1.98 -32.27
N GLN B 119 -20.93 -1.89 -33.37
CA GLN B 119 -20.18 -0.70 -33.72
C GLN B 119 -20.80 0.02 -34.91
N PRO B 120 -20.81 1.34 -34.91
CA PRO B 120 -21.31 2.08 -36.08
C PRO B 120 -20.53 1.71 -37.33
N ALA B 121 -21.27 1.43 -38.41
CA ALA B 121 -20.71 1.04 -39.69
C ALA B 121 -19.92 -0.26 -39.62
N GLY B 122 -20.12 -1.05 -38.57
CA GLY B 122 -19.39 -2.30 -38.43
C GLY B 122 -17.90 -2.12 -38.27
N ALA B 123 -17.45 -0.96 -37.80
CA ALA B 123 -16.03 -0.69 -37.64
C ALA B 123 -15.45 -1.50 -36.48
N ALA B 124 -14.12 -1.55 -36.43
CA ALA B 124 -13.46 -2.26 -35.34
C ALA B 124 -13.62 -1.52 -34.02
N PRO B 125 -13.75 -2.23 -32.91
CA PRO B 125 -13.74 -1.56 -31.59
C PRO B 125 -12.38 -0.90 -31.33
N ILE B 126 -12.36 0.00 -30.36
CA ILE B 126 -11.14 0.73 -30.03
C ILE B 126 -10.53 0.20 -28.74
N SER B 127 -9.22 0.39 -28.59
CA SER B 127 -8.53 -0.06 -27.38
C SER B 127 -7.19 0.64 -27.27
N SER B 128 -6.47 0.32 -26.19
CA SER B 128 -5.09 0.74 -26.01
C SER B 128 -4.15 0.02 -26.96
N THR B 129 -4.60 -1.14 -27.48
CA THR B 129 -3.78 -2.13 -28.13
C THR B 129 -4.50 -2.66 -29.36
N GLU B 130 -3.76 -3.41 -30.18
CA GLU B 130 -4.35 -4.18 -31.27
C GLU B 130 -4.59 -5.63 -30.89
N LYS B 131 -4.25 -6.02 -29.67
CA LYS B 131 -4.46 -7.41 -29.25
C LYS B 131 -5.94 -7.65 -29.00
N PRO B 132 -6.52 -8.69 -29.58
CA PRO B 132 -7.90 -9.04 -29.23
C PRO B 132 -7.95 -9.82 -27.91
N ILE B 133 -9.14 -9.82 -27.31
CA ILE B 133 -9.42 -10.76 -26.24
C ILE B 133 -9.26 -12.18 -26.78
N SER B 134 -8.70 -13.07 -25.97
CA SER B 134 -8.44 -14.41 -26.49
C SER B 134 -9.74 -15.19 -26.66
N ASN B 135 -9.65 -16.29 -27.40
CA ASN B 135 -10.85 -17.06 -27.71
C ASN B 135 -11.39 -17.83 -26.53
N ARG B 136 -10.75 -17.77 -25.35
CA ARG B 136 -11.34 -18.32 -24.14
C ARG B 136 -12.63 -17.62 -23.76
N TRP B 137 -12.81 -16.36 -24.19
CA TRP B 137 -14.00 -15.59 -23.87
C TRP B 137 -14.83 -15.38 -25.13
N ARG B 138 -16.15 -15.37 -24.97
CA ARG B 138 -17.09 -15.20 -26.08
C ARG B 138 -18.03 -14.05 -25.76
N ILE B 139 -18.49 -13.34 -26.79
CA ILE B 139 -19.34 -12.17 -26.61
C ILE B 139 -20.79 -12.55 -26.86
N LEU B 140 -21.68 -12.08 -25.99
CA LEU B 140 -23.11 -12.30 -26.20
C LEU B 140 -23.59 -11.48 -27.40
N MET B 141 -24.24 -12.16 -28.37
CA MET B 141 -24.71 -11.51 -29.58
C MET B 141 -26.17 -11.10 -29.42
N PRO B 142 -26.65 -10.19 -30.28
CA PRO B 142 -28.07 -9.78 -30.14
C PRO B 142 -29.07 -10.91 -30.30
N ASP B 143 -28.74 -11.99 -31.03
CA ASP B 143 -29.69 -13.08 -31.16
C ASP B 143 -29.56 -14.13 -30.06
N GLY B 144 -28.72 -13.88 -29.05
CA GLY B 144 -28.61 -14.78 -27.93
C GLY B 144 -27.55 -15.85 -28.07
N THR B 145 -26.91 -15.93 -29.23
CA THR B 145 -25.78 -16.81 -29.41
C THR B 145 -24.52 -16.12 -28.87
N HIS B 146 -23.39 -16.78 -28.98
CA HIS B 146 -22.13 -16.22 -28.54
C HIS B 146 -21.17 -16.14 -29.73
N GLY B 147 -20.47 -15.02 -29.83
CA GLY B 147 -19.59 -14.77 -30.96
C GLY B 147 -18.14 -14.56 -30.55
N ILE B 148 -17.33 -14.13 -31.51
CA ILE B 148 -15.88 -14.01 -31.35
C ILE B 148 -15.51 -12.54 -31.20
N TYR B 149 -14.71 -12.23 -30.17
CA TYR B 149 -14.18 -10.86 -30.05
C TYR B 149 -13.19 -10.57 -31.17
N PRO B 150 -13.36 -9.46 -31.89
CA PRO B 150 -12.46 -9.13 -33.00
C PRO B 150 -11.20 -8.40 -32.57
N LYS B 151 -10.32 -8.21 -33.55
CA LYS B 151 -9.12 -7.41 -33.32
C LYS B 151 -9.51 -5.94 -33.18
N PRO B 152 -9.09 -5.26 -32.11
CA PRO B 152 -9.41 -3.85 -31.97
C PRO B 152 -8.39 -2.96 -32.67
N ARG B 153 -8.74 -1.68 -32.76
CA ARG B 153 -7.88 -0.64 -33.29
C ARG B 153 -7.25 0.13 -32.13
N ALA B 154 -5.92 0.26 -32.15
CA ALA B 154 -5.22 0.98 -31.08
C ALA B 154 -5.26 2.47 -31.38
N ILE B 155 -5.80 3.26 -30.44
CA ILE B 155 -6.05 4.68 -30.67
C ILE B 155 -4.82 5.52 -30.32
N GLY B 156 -4.70 6.65 -31.02
CA GLY B 156 -3.67 7.62 -30.72
C GLY B 156 -4.10 8.59 -29.63
N THR B 157 -3.20 9.53 -29.30
CA THR B 157 -3.46 10.39 -28.16
C THR B 157 -4.54 11.42 -28.46
N TYR B 158 -4.70 11.82 -29.73
CA TYR B 158 -5.81 12.69 -30.08
C TYR B 158 -7.14 12.00 -29.78
N GLU B 159 -7.28 10.76 -30.25
CA GLU B 159 -8.53 10.04 -30.01
C GLU B 159 -8.73 9.78 -28.52
N ILE B 160 -7.65 9.53 -27.78
CA ILE B 160 -7.77 9.40 -26.32
C ILE B 160 -8.39 10.66 -25.72
N SER B 161 -7.92 11.83 -26.15
CA SER B 161 -8.49 13.07 -25.63
C SER B 161 -9.97 13.21 -26.00
N GLN B 162 -10.37 12.71 -27.17
N GLN B 162 -10.38 12.68 -27.15
CA GLN B 162 -11.77 12.74 -27.54
CA GLN B 162 -11.79 12.78 -27.52
C GLN B 162 -12.60 11.87 -26.61
C GLN B 162 -12.67 11.80 -26.73
N VAL B 163 -12.10 10.68 -26.29
CA VAL B 163 -12.84 9.79 -25.39
C VAL B 163 -12.97 10.41 -24.02
N VAL B 164 -11.90 11.03 -23.51
CA VAL B 164 -12.01 11.79 -22.26
C VAL B 164 -13.14 12.81 -22.36
N GLU B 165 -13.22 13.52 -23.48
CA GLU B 165 -14.31 14.48 -23.64
C GLU B 165 -15.68 13.78 -23.68
N ASP B 166 -15.74 12.55 -24.20
CA ASP B 166 -17.00 11.81 -24.16
C ASP B 166 -17.43 11.53 -22.72
N TYR B 167 -16.48 11.15 -21.85
CA TYR B 167 -16.82 10.99 -20.45
C TYR B 167 -17.30 12.31 -19.84
N ARG B 168 -16.61 13.41 -20.14
CA ARG B 168 -16.99 14.70 -19.55
C ARG B 168 -18.41 15.09 -19.97
N ARG B 169 -18.72 14.99 -21.26
CA ARG B 169 -20.05 15.33 -21.74
C ARG B 169 -21.12 14.43 -21.14
N SER B 170 -20.83 13.14 -21.02
CA SER B 170 -21.82 12.23 -20.44
C SER B 170 -22.06 12.53 -18.96
N ALA B 171 -21.01 12.93 -18.23
CA ALA B 171 -21.18 13.33 -16.85
C ALA B 171 -22.08 14.56 -16.74
N LEU B 172 -21.87 15.55 -17.59
CA LEU B 172 -22.75 16.71 -17.59
C LEU B 172 -24.18 16.32 -17.95
N ASN B 173 -24.33 15.39 -18.92
CA ASN B 173 -25.66 14.94 -19.28
C ASN B 173 -26.34 14.21 -18.13
N ALA B 174 -25.56 13.43 -17.35
CA ALA B 174 -26.16 12.73 -16.21
C ALA B 174 -26.70 13.71 -15.18
N ILE B 175 -25.94 14.77 -14.89
CA ILE B 175 -26.40 15.81 -13.99
C ILE B 175 -27.66 16.46 -14.54
N GLU B 176 -27.70 16.71 -15.86
CA GLU B 176 -28.89 17.28 -16.46
C GLU B 176 -30.11 16.38 -16.31
N ALA B 177 -29.91 15.07 -16.33
CA ALA B 177 -31.02 14.14 -16.12
C ALA B 177 -31.44 14.05 -14.66
N GLY B 178 -30.70 14.66 -13.75
CA GLY B 178 -31.06 14.63 -12.35
C GLY B 178 -30.28 13.65 -11.50
N PHE B 179 -29.39 12.87 -12.10
CA PHE B 179 -28.57 11.96 -11.31
C PHE B 179 -27.80 12.72 -10.23
N ASP B 180 -27.62 12.06 -9.09
CA ASP B 180 -26.83 12.64 -8.01
C ASP B 180 -25.35 12.63 -8.30
N GLY B 181 -24.90 11.75 -9.18
CA GLY B 181 -23.49 11.61 -9.48
C GLY B 181 -23.31 10.55 -10.56
N ILE B 182 -22.04 10.27 -10.85
CA ILE B 182 -21.68 9.25 -11.83
C ILE B 182 -20.62 8.35 -11.21
N GLU B 183 -20.52 7.13 -11.75
CA GLU B 183 -19.43 6.22 -11.42
C GLU B 183 -18.64 5.96 -12.69
N ILE B 184 -17.32 6.08 -12.61
CA ILE B 184 -16.45 5.72 -13.72
C ILE B 184 -16.21 4.21 -13.68
N HIS B 185 -16.60 3.50 -14.74
CA HIS B 185 -16.37 2.06 -14.82
C HIS B 185 -14.93 1.84 -15.29
N GLY B 186 -14.03 1.58 -14.35
CA GLY B 186 -12.64 1.37 -14.73
C GLY B 186 -12.20 -0.04 -14.41
N ALA B 187 -13.14 -1.00 -14.46
CA ALA B 187 -12.91 -2.36 -13.99
C ALA B 187 -13.16 -3.38 -15.10
N HIS B 188 -12.89 -4.64 -14.75
CA HIS B 188 -13.42 -5.82 -15.46
C HIS B 188 -12.94 -5.93 -16.90
N GLY B 189 -11.76 -5.37 -17.20
CA GLY B 189 -11.20 -5.55 -18.54
C GLY B 189 -11.79 -4.70 -19.63
N TYR B 190 -12.56 -3.66 -19.29
CA TYR B 190 -13.13 -2.78 -20.30
C TYR B 190 -12.11 -1.68 -20.62
N LEU B 191 -12.53 -0.58 -21.26
CA LEU B 191 -11.57 0.32 -21.92
C LEU B 191 -10.52 0.84 -20.96
N ILE B 192 -10.95 1.37 -19.80
CA ILE B 192 -9.96 1.92 -18.85
C ILE B 192 -9.02 0.83 -18.35
N ASP B 193 -9.55 -0.35 -18.05
CA ASP B 193 -8.72 -1.45 -17.60
C ASP B 193 -7.77 -1.92 -18.71
N GLN B 194 -8.13 -1.72 -19.97
CA GLN B 194 -7.22 -2.07 -21.06
C GLN B 194 -6.01 -1.16 -21.11
N PHE B 195 -6.08 0.04 -20.53
CA PHE B 195 -4.90 0.88 -20.34
C PHE B 195 -4.16 0.57 -19.04
N LEU B 196 -4.89 0.16 -18.00
CA LEU B 196 -4.28 -0.07 -16.69
C LEU B 196 -3.42 -1.33 -16.68
N LYS B 197 -3.90 -2.42 -17.28
CA LYS B 197 -3.33 -3.75 -17.06
C LYS B 197 -2.14 -3.98 -17.98
N ASP B 198 -0.98 -4.38 -17.41
CA ASP B 198 0.17 -4.60 -18.28
C ASP B 198 0.06 -5.89 -19.09
N GLY B 199 -0.91 -6.77 -18.79
CA GLY B 199 -1.21 -7.89 -19.67
C GLY B 199 -1.89 -7.48 -20.96
N ILE B 200 -2.42 -6.27 -21.03
CA ILE B 200 -3.11 -5.74 -22.20
C ILE B 200 -2.32 -4.61 -22.85
N ASN B 201 -1.90 -3.64 -22.05
CA ASN B 201 -1.32 -2.40 -22.56
C ASN B 201 0.12 -2.66 -23.01
N ASP B 202 0.32 -2.78 -24.32
CA ASP B 202 1.64 -2.92 -24.91
C ASP B 202 2.16 -1.63 -25.57
N ARG B 203 1.63 -0.48 -25.19
CA ARG B 203 2.00 0.79 -25.84
C ARG B 203 3.42 1.22 -25.50
N THR B 204 4.01 1.98 -26.42
CA THR B 204 5.33 2.57 -26.22
C THR B 204 5.31 4.10 -26.18
N ASP B 205 4.13 4.70 -26.15
CA ASP B 205 4.03 6.15 -26.04
C ASP B 205 3.80 6.53 -24.56
N GLU B 206 3.31 7.74 -24.31
CA GLU B 206 3.19 8.21 -22.95
C GLU B 206 2.05 7.55 -22.18
N TYR B 207 1.27 6.66 -22.79
CA TYR B 207 0.19 5.95 -22.11
C TYR B 207 0.52 4.49 -21.84
N GLY B 208 1.77 4.05 -22.06
CA GLY B 208 2.13 2.68 -21.81
C GLY B 208 3.52 2.57 -21.24
N GLY B 209 3.86 1.34 -20.83
CA GLY B 209 5.14 1.06 -20.20
C GLY B 209 5.05 1.09 -18.70
N SER B 210 5.47 2.20 -18.12
CA SER B 210 5.56 2.33 -16.68
C SER B 210 4.16 2.32 -16.07
N LEU B 211 4.13 2.03 -14.76
CA LEU B 211 2.91 2.17 -13.97
C LEU B 211 2.29 3.56 -14.14
N ALA B 212 3.12 4.60 -14.06
CA ALA B 212 2.61 5.97 -14.17
C ALA B 212 1.94 6.19 -15.51
N ASN B 213 2.57 5.70 -16.59
CA ASN B 213 2.00 5.87 -17.92
C ASN B 213 0.70 5.10 -18.08
N ARG B 214 0.64 3.88 -17.54
CA ARG B 214 -0.60 3.10 -17.63
C ARG B 214 -1.73 3.74 -16.83
N CYS B 215 -1.40 4.50 -15.78
CA CYS B 215 -2.42 5.18 -14.99
C CYS B 215 -2.87 6.51 -15.59
N LYS B 216 -2.25 6.95 -16.67
CA LYS B 216 -2.54 8.27 -17.19
C LYS B 216 -3.98 8.39 -17.66
N PHE B 217 -4.48 7.36 -18.36
CA PHE B 217 -5.83 7.47 -18.92
C PHE B 217 -6.89 7.60 -17.82
N ILE B 218 -6.86 6.72 -16.81
CA ILE B 218 -7.89 6.84 -15.76
C ILE B 218 -7.74 8.16 -15.02
N THR B 219 -6.50 8.63 -14.83
CA THR B 219 -6.32 9.92 -14.17
C THR B 219 -6.99 11.04 -14.97
N GLN B 220 -6.78 11.05 -16.29
CA GLN B 220 -7.37 12.09 -17.13
C GLN B 220 -8.89 12.01 -17.14
N VAL B 221 -9.44 10.80 -17.18
CA VAL B 221 -10.90 10.63 -17.16
C VAL B 221 -11.46 11.17 -15.86
N VAL B 222 -10.89 10.74 -14.72
CA VAL B 222 -11.39 11.19 -13.43
C VAL B 222 -11.24 12.71 -13.30
N GLN B 223 -10.10 13.26 -13.71
CA GLN B 223 -9.91 14.70 -13.60
C GLN B 223 -10.94 15.46 -14.44
N ALA B 224 -11.24 14.97 -15.63
CA ALA B 224 -12.18 15.66 -16.51
C ALA B 224 -13.59 15.67 -15.91
N VAL B 225 -14.05 14.55 -15.38
CA VAL B 225 -15.40 14.53 -14.81
C VAL B 225 -15.45 15.28 -13.48
N VAL B 226 -14.37 15.25 -12.69
CA VAL B 226 -14.33 16.03 -11.45
C VAL B 226 -14.44 17.52 -11.75
N SER B 227 -13.72 17.99 -12.77
N SER B 227 -13.69 17.99 -12.75
CA SER B 227 -13.74 19.41 -13.12
CA SER B 227 -13.76 19.40 -13.12
C SER B 227 -15.05 19.83 -13.75
C SER B 227 -15.16 19.79 -13.55
N ALA B 228 -15.84 18.87 -14.24
CA ALA B 228 -17.14 19.18 -14.84
C ALA B 228 -18.27 19.19 -13.82
N ILE B 229 -18.31 18.25 -12.88
CA ILE B 229 -19.45 18.11 -11.99
C ILE B 229 -19.07 18.14 -10.51
N GLY B 230 -17.79 18.18 -10.16
CA GLY B 230 -17.38 18.23 -8.77
C GLY B 230 -17.02 16.87 -8.23
N ALA B 231 -15.94 16.79 -7.46
CA ALA B 231 -15.42 15.49 -7.03
C ALA B 231 -16.44 14.72 -6.20
N ASP B 232 -17.25 15.41 -5.38
CA ASP B 232 -18.15 14.69 -4.49
C ASP B 232 -19.30 14.03 -5.23
N ARG B 233 -19.41 14.24 -6.54
CA ARG B 233 -20.41 13.57 -7.38
C ARG B 233 -19.78 12.49 -8.26
N VAL B 234 -18.54 12.08 -7.97
CA VAL B 234 -17.81 11.14 -8.83
C VAL B 234 -17.34 9.95 -8.00
N GLY B 235 -17.78 8.75 -8.38
CA GLY B 235 -17.21 7.53 -7.81
C GLY B 235 -16.36 6.84 -8.87
N VAL B 236 -15.43 5.98 -8.42
CA VAL B 236 -14.52 5.30 -9.34
C VAL B 236 -14.50 3.82 -8.99
N ARG B 237 -14.72 2.97 -10.00
CA ARG B 237 -14.70 1.52 -9.81
C ARG B 237 -13.51 0.90 -10.52
N VAL B 238 -12.74 0.08 -9.79
CA VAL B 238 -11.60 -0.64 -10.37
C VAL B 238 -11.61 -2.09 -9.88
N SER B 239 -10.81 -2.93 -10.53
CA SER B 239 -10.70 -4.34 -10.16
C SER B 239 -9.32 -4.84 -10.52
N PRO B 240 -8.29 -4.45 -9.76
CA PRO B 240 -6.91 -4.82 -10.13
C PRO B 240 -6.66 -6.32 -10.12
N ALA B 241 -7.46 -7.11 -9.40
CA ALA B 241 -7.19 -8.53 -9.22
C ALA B 241 -8.24 -9.45 -9.85
N ILE B 242 -9.04 -8.92 -10.77
N ILE B 242 -8.95 -9.02 -10.88
CA ILE B 242 -10.01 -9.70 -11.54
CA ILE B 242 -10.04 -9.84 -11.43
C ILE B 242 -9.51 -9.74 -12.97
C ILE B 242 -9.58 -10.67 -12.63
N ASP B 243 -9.33 -10.95 -13.51
N ASP B 243 -10.17 -11.85 -12.80
CA ASP B 243 -8.70 -11.18 -14.81
CA ASP B 243 -9.99 -12.70 -13.98
C ASP B 243 -9.72 -11.38 -15.93
C ASP B 243 -11.16 -12.45 -14.92
N HIS B 244 -10.94 -10.90 -15.75
N HIS B 244 -10.97 -11.54 -15.87
CA HIS B 244 -12.00 -11.01 -16.76
CA HIS B 244 -12.06 -11.21 -16.80
C HIS B 244 -11.54 -10.45 -18.10
C HIS B 244 -11.49 -10.59 -18.06
N LEU B 245 -11.85 -11.18 -19.19
CA LEU B 245 -11.53 -10.69 -20.54
C LEU B 245 -10.02 -10.48 -20.74
N ASP B 246 -9.21 -11.40 -20.19
CA ASP B 246 -7.76 -11.37 -20.37
C ASP B 246 -7.15 -10.09 -19.82
N ALA B 247 -7.64 -9.63 -18.68
CA ALA B 247 -7.17 -8.37 -18.10
C ALA B 247 -6.39 -8.66 -16.83
N MET B 248 -5.17 -9.14 -17.00
CA MET B 248 -4.35 -9.47 -15.86
C MET B 248 -3.19 -8.49 -15.74
N ASP B 249 -2.76 -8.23 -14.51
CA ASP B 249 -1.55 -7.46 -14.25
C ASP B 249 -0.51 -8.33 -13.55
N SER B 250 0.76 -8.06 -13.84
CA SER B 250 1.84 -8.80 -13.18
C SER B 250 1.93 -8.50 -11.69
N ASN B 251 1.45 -7.33 -11.27
CA ASN B 251 1.53 -6.91 -9.87
C ASN B 251 0.22 -6.21 -9.50
N PRO B 252 -0.85 -6.99 -9.27
CA PRO B 252 -2.17 -6.37 -9.00
C PRO B 252 -2.17 -5.40 -7.84
N LEU B 253 -1.49 -5.71 -6.73
CA LEU B 253 -1.53 -4.79 -5.60
C LEU B 253 -0.83 -3.48 -5.91
N SER B 254 0.34 -3.52 -6.58
CA SER B 254 1.00 -2.26 -6.93
C SER B 254 0.17 -1.45 -7.91
N LEU B 255 -0.50 -2.12 -8.85
CA LEU B 255 -1.37 -1.39 -9.76
C LEU B 255 -2.48 -0.70 -8.99
N GLY B 256 -3.12 -1.42 -8.06
CA GLY B 256 -4.19 -0.83 -7.27
C GLY B 256 -3.71 0.35 -6.44
N LEU B 257 -2.54 0.21 -5.81
CA LEU B 257 -2.02 1.31 -5.02
C LEU B 257 -1.61 2.51 -5.88
N ALA B 258 -1.16 2.28 -7.11
CA ALA B 258 -0.84 3.39 -8.00
C ALA B 258 -2.11 4.16 -8.36
N VAL B 259 -3.21 3.44 -8.61
CA VAL B 259 -4.48 4.12 -8.87
C VAL B 259 -4.90 4.91 -7.64
N VAL B 260 -4.81 4.28 -6.45
CA VAL B 260 -5.23 4.95 -5.21
C VAL B 260 -4.41 6.23 -5.00
N GLU B 261 -3.10 6.17 -5.23
N GLU B 261 -3.10 6.17 -5.23
CA GLU B 261 -2.27 7.36 -5.09
CA GLU B 261 -2.26 7.36 -5.10
C GLU B 261 -2.77 8.49 -5.99
C GLU B 261 -2.75 8.49 -6.00
N ARG B 262 -3.12 8.16 -7.24
CA ARG B 262 -3.59 9.19 -8.17
C ARG B 262 -4.92 9.79 -7.70
N LEU B 263 -5.81 8.97 -7.16
CA LEU B 263 -7.07 9.49 -6.65
C LEU B 263 -6.83 10.39 -5.43
N ASN B 264 -5.94 9.97 -4.52
CA ASN B 264 -5.61 10.84 -3.38
C ASN B 264 -5.08 12.20 -3.85
N LYS B 265 -4.25 12.21 -4.89
CA LYS B 265 -3.70 13.47 -5.39
C LYS B 265 -4.76 14.32 -6.08
N ILE B 266 -5.67 13.69 -6.83
CA ILE B 266 -6.76 14.44 -7.44
C ILE B 266 -7.59 15.15 -6.37
N GLN B 267 -7.82 14.47 -5.25
CA GLN B 267 -8.63 15.05 -4.19
C GLN B 267 -7.93 16.24 -3.56
N LEU B 268 -6.65 16.10 -3.25
CA LEU B 268 -5.93 17.23 -2.67
C LEU B 268 -5.88 18.41 -3.63
N HIS B 269 -5.66 18.16 -4.92
CA HIS B 269 -5.62 19.23 -5.91
C HIS B 269 -6.98 19.90 -6.06
N SER B 270 -8.07 19.13 -6.07
CA SER B 270 -9.40 19.68 -6.25
C SER B 270 -9.99 20.25 -4.96
N GLY B 271 -9.37 19.98 -3.82
CA GLY B 271 -9.91 20.41 -2.54
C GLY B 271 -11.18 19.71 -2.10
N SER B 272 -11.44 18.50 -2.60
CA SER B 272 -12.65 17.79 -2.23
C SER B 272 -12.43 16.30 -2.42
N LYS B 273 -13.10 15.50 -1.59
CA LYS B 273 -13.02 14.06 -1.74
C LYS B 273 -13.98 13.60 -2.83
N LEU B 274 -13.59 12.54 -3.52
CA LEU B 274 -14.50 11.83 -4.40
C LEU B 274 -15.65 11.25 -3.59
N ALA B 275 -16.70 10.85 -4.30
CA ALA B 275 -17.79 10.17 -3.63
C ALA B 275 -17.33 8.86 -3.01
N TYR B 276 -16.51 8.08 -3.73
CA TYR B 276 -16.06 6.80 -3.21
C TYR B 276 -15.11 6.13 -4.19
N LEU B 277 -14.41 5.12 -3.68
CA LEU B 277 -13.68 4.12 -4.44
C LEU B 277 -14.42 2.80 -4.27
N HIS B 278 -14.67 2.11 -5.38
CA HIS B 278 -15.49 0.91 -5.42
C HIS B 278 -14.61 -0.18 -6.01
N VAL B 279 -14.40 -1.28 -5.29
CA VAL B 279 -13.46 -2.30 -5.75
C VAL B 279 -14.15 -3.65 -5.75
N THR B 280 -14.04 -4.39 -6.85
N THR B 280 -14.05 -4.36 -6.88
CA THR B 280 -14.64 -5.72 -6.92
CA THR B 280 -14.50 -5.73 -7.00
C THR B 280 -13.57 -6.77 -6.70
C THR B 280 -13.42 -6.67 -6.48
N GLN B 281 -13.85 -7.71 -5.80
CA GLN B 281 -12.83 -8.69 -5.54
C GLN B 281 -13.17 -10.03 -6.19
N PRO B 282 -12.17 -10.83 -6.50
CA PRO B 282 -12.43 -12.19 -6.95
C PRO B 282 -12.70 -13.07 -5.73
N ARG B 283 -13.44 -14.15 -5.97
CA ARG B 283 -13.77 -15.09 -4.90
C ARG B 283 -13.19 -16.46 -5.21
N SER B 297 -5.90 -17.32 -2.22
CA SER B 297 -6.61 -17.74 -1.02
C SER B 297 -7.55 -16.64 -0.52
N GLU B 298 -8.53 -17.05 0.29
CA GLU B 298 -9.50 -16.10 0.84
C GLU B 298 -8.80 -15.04 1.69
N GLU B 299 -7.86 -15.45 2.54
CA GLU B 299 -7.13 -14.51 3.37
C GLU B 299 -6.32 -13.52 2.53
N GLU B 300 -5.64 -14.03 1.51
CA GLU B 300 -4.81 -13.19 0.65
C GLU B 300 -5.66 -12.16 -0.11
N GLU B 301 -6.79 -12.59 -0.66
CA GLU B 301 -7.62 -11.67 -1.41
C GLU B 301 -8.22 -10.59 -0.51
N ALA B 302 -8.62 -10.97 0.71
CA ALA B 302 -9.11 -10.00 1.67
C ALA B 302 -8.01 -9.04 2.10
N ARG B 303 -6.78 -9.52 2.18
CA ARG B 303 -5.66 -8.64 2.50
C ARG B 303 -5.45 -7.61 1.41
N LEU B 304 -5.53 -8.02 0.15
CA LEU B 304 -5.45 -7.09 -0.97
C LEU B 304 -6.51 -6.00 -0.87
N MET B 305 -7.76 -6.39 -0.61
CA MET B 305 -8.83 -5.41 -0.47
C MET B 305 -8.56 -4.45 0.68
N ARG B 306 -8.14 -4.96 1.84
CA ARG B 306 -7.93 -4.07 2.98
C ARG B 306 -6.75 -3.14 2.73
N THR B 307 -5.73 -3.61 1.99
CA THR B 307 -4.60 -2.75 1.68
C THR B 307 -5.02 -1.56 0.83
N LEU B 308 -5.86 -1.79 -0.18
CA LEU B 308 -6.37 -0.67 -0.98
C LEU B 308 -7.22 0.27 -0.15
N ARG B 309 -8.11 -0.28 0.67
CA ARG B 309 -8.95 0.53 1.55
C ARG B 309 -8.10 1.42 2.44
N ASN B 310 -7.08 0.83 3.09
CA ASN B 310 -6.27 1.59 4.03
C ASN B 310 -5.49 2.72 3.34
N ALA B 311 -5.13 2.53 2.07
CA ALA B 311 -4.34 3.51 1.34
C ALA B 311 -5.17 4.66 0.80
N TYR B 312 -6.48 4.51 0.70
CA TYR B 312 -7.34 5.49 0.05
C TYR B 312 -7.95 6.45 1.09
N GLN B 313 -7.83 7.75 0.81
CA GLN B 313 -8.36 8.80 1.69
C GLN B 313 -9.82 9.05 1.32
N GLY B 314 -10.70 8.13 1.73
CA GLY B 314 -12.11 8.36 1.47
C GLY B 314 -12.96 7.11 1.66
N THR B 315 -14.16 7.18 1.11
CA THR B 315 -15.16 6.13 1.25
C THR B 315 -14.83 4.93 0.36
N PHE B 316 -15.00 3.73 0.90
CA PHE B 316 -14.66 2.48 0.21
C PHE B 316 -15.89 1.59 0.11
N ILE B 317 -16.23 1.18 -1.12
CA ILE B 317 -17.33 0.24 -1.36
C ILE B 317 -16.72 -1.08 -1.84
N CYS B 318 -17.06 -2.17 -1.16
CA CYS B 318 -16.60 -3.49 -1.59
C CYS B 318 -17.72 -4.24 -2.32
N SER B 319 -17.34 -5.10 -3.25
CA SER B 319 -18.31 -5.82 -4.05
C SER B 319 -17.72 -7.15 -4.48
N GLY B 320 -18.61 -8.11 -4.75
CA GLY B 320 -18.17 -9.37 -5.31
C GLY B 320 -18.40 -10.51 -4.34
N GLY B 321 -19.50 -11.23 -4.54
CA GLY B 321 -19.78 -12.41 -3.73
C GLY B 321 -20.18 -12.14 -2.30
N TYR B 322 -20.66 -10.94 -1.99
CA TYR B 322 -21.02 -10.66 -0.61
C TYR B 322 -22.37 -11.26 -0.26
N THR B 323 -22.52 -11.58 1.02
CA THR B 323 -23.74 -12.10 1.58
C THR B 323 -24.15 -11.20 2.74
N ARG B 324 -25.27 -11.52 3.38
CA ARG B 324 -25.64 -10.77 4.57
C ARG B 324 -24.54 -10.87 5.62
N GLU B 325 -24.05 -12.08 5.88
CA GLU B 325 -23.05 -12.27 6.92
C GLU B 325 -21.72 -11.62 6.56
N LEU B 326 -21.29 -11.77 5.30
CA LEU B 326 -20.02 -11.19 4.88
C LEU B 326 -20.09 -9.67 4.83
N GLY B 327 -21.24 -9.12 4.46
CA GLY B 327 -21.40 -7.67 4.48
C GLY B 327 -21.37 -7.11 5.89
N ILE B 328 -22.05 -7.78 6.83
CA ILE B 328 -22.00 -7.35 8.22
C ILE B 328 -20.56 -7.36 8.73
N GLU B 329 -19.81 -8.43 8.43
N GLU B 329 -19.82 -8.44 8.45
CA GLU B 329 -18.43 -8.53 8.89
CA GLU B 329 -18.43 -8.55 8.86
C GLU B 329 -17.57 -7.43 8.27
C GLU B 329 -17.59 -7.43 8.26
N ALA B 330 -17.78 -7.12 6.98
CA ALA B 330 -16.96 -6.12 6.31
C ALA B 330 -17.10 -4.75 6.98
N VAL B 331 -18.33 -4.35 7.32
CA VAL B 331 -18.52 -3.04 7.93
C VAL B 331 -18.05 -3.08 9.39
N ALA B 332 -18.35 -4.16 10.10
CA ALA B 332 -18.01 -4.22 11.52
C ALA B 332 -16.50 -4.21 11.74
N GLN B 333 -15.75 -4.86 10.86
N GLN B 333 -15.75 -4.86 10.85
CA GLN B 333 -14.29 -4.93 11.00
CA GLN B 333 -14.30 -4.93 11.00
C GLN B 333 -13.57 -3.78 10.31
C GLN B 333 -13.58 -3.72 10.41
N GLY B 334 -14.31 -2.80 9.79
CA GLY B 334 -13.70 -1.64 9.17
C GLY B 334 -13.13 -1.87 7.78
N ASP B 335 -13.47 -3.00 7.16
CA ASP B 335 -12.94 -3.36 5.83
C ASP B 335 -13.58 -2.55 4.72
N ALA B 336 -14.80 -2.05 4.93
CA ALA B 336 -15.50 -1.27 3.92
C ALA B 336 -16.50 -0.39 4.62
N ASP B 337 -16.86 0.71 3.95
CA ASP B 337 -17.91 1.58 4.46
C ASP B 337 -19.27 1.20 3.90
N LEU B 338 -19.31 0.76 2.65
CA LEU B 338 -20.54 0.36 1.99
C LEU B 338 -20.28 -0.96 1.30
N VAL B 339 -21.35 -1.74 1.11
CA VAL B 339 -21.27 -3.08 0.52
C VAL B 339 -22.28 -3.13 -0.62
N SER B 340 -21.82 -3.41 -1.83
CA SER B 340 -22.74 -3.49 -2.96
C SER B 340 -23.02 -4.95 -3.30
N TYR B 341 -24.28 -5.20 -3.66
CA TYR B 341 -24.80 -6.53 -3.98
C TYR B 341 -25.33 -6.51 -5.40
N GLY B 342 -24.97 -7.53 -6.18
CA GLY B 342 -25.47 -7.64 -7.53
C GLY B 342 -26.55 -8.71 -7.67
N ARG B 343 -26.12 -9.97 -7.82
CA ARG B 343 -27.06 -11.02 -8.19
C ARG B 343 -28.23 -11.13 -7.22
N LEU B 344 -27.98 -10.99 -5.91
CA LEU B 344 -29.10 -11.11 -4.98
C LEU B 344 -30.08 -9.95 -5.12
N PHE B 345 -29.63 -8.78 -5.58
CA PHE B 345 -30.55 -7.69 -5.85
C PHE B 345 -31.37 -7.93 -7.12
N ILE B 346 -30.89 -8.77 -8.04
CA ILE B 346 -31.70 -9.11 -9.22
C ILE B 346 -33.00 -9.77 -8.78
N SER B 347 -32.90 -10.74 -7.87
CA SER B 347 -34.04 -11.58 -7.52
C SER B 347 -34.73 -11.17 -6.23
N ASN B 348 -34.21 -10.18 -5.52
CA ASN B 348 -34.83 -9.70 -4.28
C ASN B 348 -34.97 -8.20 -4.39
N PRO B 349 -36.08 -7.71 -4.94
CA PRO B 349 -36.21 -6.26 -5.09
C PRO B 349 -36.13 -5.56 -3.75
N ASP B 350 -36.66 -6.20 -2.70
CA ASP B 350 -36.55 -5.69 -1.34
C ASP B 350 -35.38 -6.31 -0.58
N LEU B 351 -34.21 -6.41 -1.22
CA LEU B 351 -33.04 -7.00 -0.57
C LEU B 351 -32.69 -6.26 0.72
N VAL B 352 -32.80 -4.93 0.74
CA VAL B 352 -32.44 -4.18 1.93
C VAL B 352 -33.31 -4.61 3.11
N MET B 353 -34.63 -4.63 2.90
CA MET B 353 -35.53 -5.07 3.95
C MET B 353 -35.26 -6.50 4.37
N ARG B 354 -34.97 -7.39 3.40
CA ARG B 354 -34.72 -8.77 3.76
C ARG B 354 -33.46 -8.92 4.61
N ILE B 355 -32.41 -8.17 4.28
CA ILE B 355 -31.19 -8.22 5.09
C ILE B 355 -31.46 -7.67 6.49
N LYS B 356 -32.25 -6.59 6.57
CA LYS B 356 -32.59 -6.02 7.87
C LYS B 356 -33.32 -7.03 8.75
N LEU B 357 -34.28 -7.75 8.18
CA LEU B 357 -35.06 -8.73 8.93
C LEU B 357 -34.39 -10.09 9.02
N ASN B 358 -33.28 -10.30 8.30
CA ASN B 358 -32.71 -11.63 8.12
C ASN B 358 -33.75 -12.61 7.58
N ALA B 359 -34.51 -12.15 6.60
CA ALA B 359 -35.52 -12.97 5.94
C ALA B 359 -34.89 -13.78 4.81
N PRO B 360 -35.47 -14.92 4.47
CA PRO B 360 -34.91 -15.75 3.39
C PRO B 360 -34.93 -15.02 2.05
N LEU B 361 -33.90 -15.27 1.26
CA LEU B 361 -33.72 -14.65 -0.06
C LEU B 361 -34.20 -15.56 -1.19
N ASN B 362 -34.64 -14.94 -2.28
CA ASN B 362 -35.12 -15.65 -3.46
C ASN B 362 -33.96 -15.95 -4.42
N LYS B 363 -34.06 -17.09 -5.10
N LYS B 363 -34.05 -17.10 -5.09
CA LYS B 363 -33.07 -17.47 -6.10
CA LYS B 363 -33.04 -17.45 -6.08
C LYS B 363 -33.19 -16.59 -7.34
C LYS B 363 -33.18 -16.58 -7.33
N TYR B 364 -32.07 -16.40 -8.03
CA TYR B 364 -32.03 -15.66 -9.29
C TYR B 364 -31.86 -16.62 -10.47
N ASN B 365 -32.41 -16.25 -11.62
CA ASN B 365 -32.38 -17.06 -12.83
C ASN B 365 -31.41 -16.44 -13.82
N ARG B 366 -30.22 -17.05 -13.93
CA ARG B 366 -29.18 -16.52 -14.81
C ARG B 366 -29.63 -16.45 -16.27
N LYS B 367 -30.57 -17.32 -16.67
CA LYS B 367 -30.98 -17.33 -18.07
C LYS B 367 -31.68 -16.04 -18.49
N THR B 368 -32.19 -15.24 -17.53
CA THR B 368 -32.86 -14.00 -17.88
C THR B 368 -32.09 -12.77 -17.39
N PHE B 369 -30.79 -12.92 -17.12
CA PHE B 369 -29.97 -11.75 -16.77
C PHE B 369 -29.92 -10.74 -17.93
N PHE B 370 -29.79 -11.22 -19.17
CA PHE B 370 -29.48 -10.34 -20.30
C PHE B 370 -30.51 -10.42 -21.43
N THR B 371 -31.68 -10.95 -21.15
CA THR B 371 -32.76 -11.02 -22.14
C THR B 371 -33.46 -9.66 -22.23
N GLN B 372 -34.38 -9.50 -23.19
CA GLN B 372 -34.96 -8.19 -23.47
C GLN B 372 -36.35 -8.00 -22.90
N ASP B 373 -36.94 -9.01 -22.29
CA ASP B 373 -38.31 -8.90 -21.81
C ASP B 373 -38.41 -7.81 -20.74
N PRO B 374 -39.35 -6.87 -20.87
CA PRO B 374 -39.45 -5.80 -19.86
C PRO B 374 -39.96 -6.26 -18.51
N VAL B 375 -40.46 -7.49 -18.40
CA VAL B 375 -41.04 -8.02 -17.17
C VAL B 375 -40.36 -9.30 -16.72
N VAL B 376 -40.27 -10.29 -17.62
CA VAL B 376 -39.88 -11.63 -17.21
C VAL B 376 -38.42 -11.64 -16.78
N GLY B 377 -38.16 -12.07 -15.54
CA GLY B 377 -36.81 -12.08 -15.00
C GLY B 377 -36.25 -10.70 -14.73
N TYR B 378 -37.10 -9.69 -14.70
CA TYR B 378 -36.64 -8.31 -14.53
C TYR B 378 -37.42 -7.63 -13.40
N THR B 379 -38.74 -7.48 -13.58
CA THR B 379 -39.57 -6.87 -12.55
C THR B 379 -40.55 -7.85 -11.91
N ASP B 380 -40.54 -9.13 -12.30
CA ASP B 380 -41.51 -10.06 -11.75
C ASP B 380 -40.95 -10.94 -10.63
N TYR B 381 -39.78 -10.62 -10.10
CA TYR B 381 -39.35 -11.25 -8.87
C TYR B 381 -40.16 -10.67 -7.71
N PRO B 382 -40.75 -11.50 -6.87
CA PRO B 382 -41.70 -11.00 -5.86
C PRO B 382 -41.04 -10.38 -4.64
N PHE B 383 -41.78 -9.48 -4.00
CA PHE B 383 -41.41 -8.99 -2.68
C PHE B 383 -41.69 -10.06 -1.64
N LEU B 384 -41.15 -9.84 -0.44
N LEU B 384 -41.19 -9.84 -0.43
CA LEU B 384 -41.18 -10.83 0.64
CA LEU B 384 -41.46 -10.78 0.66
C LEU B 384 -42.59 -11.31 0.97
C LEU B 384 -42.93 -10.73 1.05
N1 FMN C . 17.81 3.97 10.68
C2 FMN C . 17.61 2.69 11.15
O2 FMN C . 18.37 2.29 12.03
N3 FMN C . 16.61 1.88 10.64
C4 FMN C . 15.76 2.35 9.67
O4 FMN C . 14.88 1.60 9.22
C4A FMN C . 15.93 3.64 9.19
N5 FMN C . 15.10 4.13 8.21
C5A FMN C . 15.42 5.30 7.58
C6 FMN C . 14.70 5.65 6.44
C7 FMN C . 15.02 6.80 5.73
C7M FMN C . 14.23 7.17 4.50
C8 FMN C . 16.08 7.59 6.18
C8M FMN C . 16.46 8.84 5.45
C9 FMN C . 16.79 7.23 7.32
C9A FMN C . 16.47 6.08 8.04
N10 FMN C . 17.20 5.71 9.16
C10 FMN C . 16.98 4.43 9.67
C1' FMN C . 18.53 6.37 9.48
C2' FMN C . 19.67 5.95 8.53
O2' FMN C . 20.09 4.64 8.81
C3' FMN C . 20.95 6.76 8.71
O3' FMN C . 21.39 6.76 10.05
C4' FMN C . 20.86 8.21 8.26
O4' FMN C . 20.11 8.32 7.06
C5' FMN C . 22.31 8.62 8.07
O5' FMN C . 22.36 9.98 7.75
P FMN C . 22.50 10.46 6.22
O1P FMN C . 22.85 11.91 6.29
O2P FMN C . 23.55 9.63 5.52
O3P FMN C . 21.16 10.29 5.56
N1 O8R D . 14.25 4.69 11.81
C4 O8R D . 15.01 7.03 11.78
C5 O8R D . 15.81 8.67 13.23
C6 O8R D . 15.45 10.03 12.61
C7 O8R D . 16.37 11.61 14.07
C1 O8R D . 12.17 4.86 9.94
C2 O8R D . 12.98 6.07 10.37
C3 O8R D . 14.11 5.87 11.37
O1 O8R D . 12.73 7.16 9.95
O2 O8R D . 15.90 7.37 11.08
O3 O8R D . 14.80 7.73 12.98
O4 O8R D . 15.24 4.37 12.73
O5 O8R D . 16.49 10.92 12.85
N1 FMN E . -20.37 -4.41 -12.93
C2 FMN E . -20.22 -3.14 -13.43
O2 FMN E . -19.37 -2.38 -12.95
N3 FMN E . -21.03 -2.68 -14.46
C4 FMN E . -21.97 -3.50 -15.03
O4 FMN E . -22.67 -3.08 -15.96
C4A FMN E . -22.11 -4.80 -14.54
N5 FMN E . -23.06 -5.64 -15.09
C5A FMN E . -23.37 -6.81 -14.45
C6 FMN E . -24.50 -7.54 -14.88
C7 FMN E . -24.86 -8.71 -14.22
C7M FMN E . -26.06 -9.49 -14.67
C8 FMN E . -24.10 -9.15 -13.13
C8M FMN E . -24.45 -10.40 -12.39
C9 FMN E . -22.99 -8.42 -12.72
C9A FMN E . -22.61 -7.25 -13.37
N10 FMN E . -21.50 -6.52 -12.94
C10 FMN E . -21.34 -5.24 -13.46
C1' FMN E . -20.88 -6.83 -11.60
C2' FMN E . -21.71 -6.33 -10.39
O2' FMN E . -21.69 -4.93 -10.27
C3' FMN E . -21.16 -6.79 -9.05
O3' FMN E . -19.80 -6.42 -8.91
C4' FMN E . -21.29 -8.27 -8.79
O4' FMN E . -22.52 -8.78 -9.27
C5' FMN E . -21.24 -8.40 -7.27
O5' FMN E . -21.17 -9.76 -6.94
P FMN E . -22.50 -10.48 -6.44
O1P FMN E . -23.36 -10.66 -7.66
O2P FMN E . -22.09 -11.78 -5.82
O3P FMN E . -23.19 -9.58 -5.43
N1 O8R F . -19.65 -5.38 -16.47
N1 O8R F . -20.59 -7.50 -16.81
C4 O8R F . -18.71 -7.47 -15.77
C4 O8R F . -18.77 -7.93 -15.29
C5 O8R F . -17.94 -8.81 -14.01
C5 O8R F . -18.29 -8.84 -13.16
C6 O8R F . -18.06 -10.23 -14.56
C6 O8R F . -17.87 -10.29 -13.39
C7 O8R F . -16.57 -10.89 -12.85
C7 O8R F . -15.61 -9.75 -13.67
C1 O8R F . -21.80 -6.45 -18.14
C1 O8R F . -20.03 -4.69 -17.26
C2 O8R F . -20.91 -7.29 -17.23
C2 O8R F . -19.35 -5.53 -16.20
C3 O8R F . -19.76 -6.63 -16.49
C3 O8R F . -19.64 -7.03 -16.15
O1 O8R F . -21.13 -8.45 -17.10
O1 O8R F . -18.61 -5.04 -15.42
O2 O8R F . -17.67 -7.66 -16.31
O2 O8R F . -17.65 -8.16 -15.64
O3 O8R F . -18.98 -8.01 -14.51
O3 O8R F . -19.27 -8.47 -14.10
O4 O8R F . -18.58 -4.78 -15.80
O4 O8R F . -20.86 -8.88 -16.78
O5 O8R F . -16.94 -10.99 -14.20
O5 O8R F . -16.75 -10.32 -14.23
#